data_5U33
#
_entry.id   5U33
#
_cell.length_a   113.495
_cell.length_b   179.108
_cell.length_c   216.706
_cell.angle_alpha   90.00
_cell.angle_beta   90.00
_cell.angle_gamma   90.00
#
_symmetry.space_group_name_H-M   'I 2 2 2'
#
loop_
_entity.id
_entity.type
_entity.pdbx_description
1 polymer 'CRISPR-associated endonuclease C2c1'
2 polymer sgRNA
3 polymer 'Target DNA strand'
4 polymer 'Non-target DNA strand'
5 non-polymer 'SULFATE ION'
#
loop_
_entity_poly.entity_id
_entity_poly.type
_entity_poly.pdbx_seq_one_letter_code
_entity_poly.pdbx_strand_id
1 'polypeptide(L)'
;SMAVKSIKVKLRLDDMPEIRAGLWKLHKEVNAGVRYYTEWLSLLRQENLYRRSPNGDGEQECDKTAEECKAELLERLRAR
QVENGHRGPAGSDDELLQLARQLYELLVPQAIGAKGDAQQIARKFLSPLADKDAVGGLGIAKAGNKPRWVRMREAGEPGW
EEEKEKAETRKSADRTADVLRALADFGLKPLMRVYTDSEMSSVEWKPLRKGQAVRTWDRDMFQQAIERMMSWESWNQRVG
QEYAKLVEQKNRFEQKNFVGQEHLVHLVNQLQQDMKEASPGLESKEQTAHYVTGRALRGSDKVFEKWGKLAPDAPFDLYD
AEIKNVQRRNTRRFGSHDLFAKLAEPEYQALWREDASFLTRYAVYNSILRKLNHAKMFATFTLPDATAHPIWTRFDKLGG
NLHQYTFLFNEFGERRHAIRFHKLLKVENGVAREVDDVTVPISMSEQLDNLLPRDPNEPIALYFRDYGAEQHFTGEFGGA
KIQCRRDQLAHMHRRRGARDVYLNVSVRVQSQSEARGERRPPYAAVFRLVGDNHRAFVHFDKLSDYLAEHPDDGKLGSEG
LLSGLRVMSVALGLRTSASISVFRVARKDELKPNSKGRVPFFFPIKGNDNLVAVHERSQLLKLPGETESKDLRAIREERQ
RTLRQLRTQLAYLRLLVRCGSEDVGRRERSWAKLIEQPVDAANHMTPDWREAFENELQKLKSLHGICSDKEWMDAVYESV
RRVWRHMGKQVRDWRKDVRSGERPKIRGYAKDVVGGNSIEQIEYLERQYKFLKSWSFFGKVSGQVIRAEKGSRFAITLRE
HIDHAKEDRLKKLADRIIMEALGYVYALDERGKGKWVAKYPPCQLILLAELSEYQFNNDRPPSENNQLMQWSHRGVFQEL
INQAQVHDLLVGTMYAAFSSRFDARTGAPGIRCRRVPARCTQEHNPEPFPWWLNKFVVEHTLDACPLRADDLIPTGEGEI
FVSPFSAEEGDFHQIHAALNAAQNLQQRLWSDFDISQIRLRCDWGEVDGELVLIPRLTGKRTADSYSNKVFYTNTGVTYY
ERERGKKRRKVFAQEKLSEEEAELLVEADEAREKSVVLMRDPSGIINRGNWTRQKEFWSMVNQRIEGYLVKQIRSRVPLQ
DSACENTGDI
;
A
2 'polyribonucleotide'
;GGUCUAGAGGACAGAAUUUUUCAACGGGUGUGCCAAUGGCCACUUUCCAGGUGGCAAAGCCCGUUGAGCUUCUCAAAUCU
GAGAAGUGGCACCAGAACCGGAGGACAAAGUC
;
B
3 'polydeoxyribonucleotide'
;(DG)(DA)(DC)(DT)(DT)(DT)(DG)(DT)(DC)(DC)(DT)(DC)(DC)(DG)(DG)(DT)(DT)(DC)(DT)(DG)
(DG)(DA)(DA)(DC)(DC)(DA)(DC)(DA)
;
C
4 'polydeoxyribonucleotide'
;(DT)(DG)(DT)(DG)(DG)(DT)(DT)(DC)(DT)(DT)(DT)(DT)(DT)(DT)(DT)(DT)(DT)(DT)(DT)(DT)
(DT)(DT)(DT)(DT)(DT)(DT)(DT)(DT)
;
D
#
loop_
_chem_comp.id
_chem_comp.type
_chem_comp.name
_chem_comp.formula
A RNA linking ADENOSINE-5'-MONOPHOSPHATE 'C10 H14 N5 O7 P'
C RNA linking CYTIDINE-5'-MONOPHOSPHATE 'C9 H14 N3 O8 P'
DA DNA linking 2'-DEOXYADENOSINE-5'-MONOPHOSPHATE 'C10 H14 N5 O6 P'
DC DNA linking 2'-DEOXYCYTIDINE-5'-MONOPHOSPHATE 'C9 H14 N3 O7 P'
DG DNA linking 2'-DEOXYGUANOSINE-5'-MONOPHOSPHATE 'C10 H14 N5 O7 P'
DT DNA linking THYMIDINE-5'-MONOPHOSPHATE 'C10 H15 N2 O8 P'
G RNA linking GUANOSINE-5'-MONOPHOSPHATE 'C10 H14 N5 O8 P'
SO4 non-polymer 'SULFATE ION' 'O4 S -2'
U RNA linking URIDINE-5'-MONOPHOSPHATE 'C9 H13 N2 O9 P'
#
# COMPACT_ATOMS: atom_id res chain seq x y z
N SER A 1 14.77 -17.88 -0.02
CA SER A 1 15.72 -18.17 1.05
C SER A 1 16.96 -17.30 0.94
N MET A 2 17.21 -16.77 -0.26
CA MET A 2 18.36 -15.94 -0.54
C MET A 2 17.89 -14.64 -1.18
N ALA A 3 18.54 -13.54 -0.81
CA ALA A 3 18.13 -12.22 -1.28
C ALA A 3 18.36 -12.10 -2.78
N VAL A 4 17.27 -11.83 -3.51
CA VAL A 4 17.32 -11.66 -4.96
C VAL A 4 17.09 -10.18 -5.27
N LYS A 5 17.92 -9.64 -6.16
CA LYS A 5 17.82 -8.23 -6.52
C LYS A 5 17.96 -8.09 -8.03
N SER A 6 17.21 -7.16 -8.60
CA SER A 6 17.20 -6.94 -10.05
C SER A 6 17.89 -5.63 -10.38
N ILE A 7 18.88 -5.69 -11.26
CA ILE A 7 19.59 -4.52 -11.76
C ILE A 7 19.26 -4.42 -13.25
N LYS A 8 18.46 -3.44 -13.61
CA LYS A 8 18.02 -3.28 -14.99
C LYS A 8 19.11 -2.58 -15.81
N VAL A 9 19.49 -3.21 -16.92
CA VAL A 9 20.62 -2.77 -17.73
C VAL A 9 20.12 -2.42 -19.13
N LYS A 10 20.70 -1.39 -19.71
CA LYS A 10 20.32 -0.93 -21.05
C LYS A 10 21.38 -1.36 -22.06
N LEU A 11 20.92 -1.83 -23.22
CA LEU A 11 21.81 -2.33 -24.26
C LEU A 11 22.11 -1.22 -25.26
N ARG A 12 23.39 -0.93 -25.48
CA ARG A 12 23.81 -0.02 -26.54
C ARG A 12 23.67 -0.73 -27.87
N LEU A 13 22.57 -0.49 -28.57
CA LEU A 13 22.29 -1.14 -29.85
C LEU A 13 22.32 -0.15 -31.01
N ASP A 14 23.03 0.97 -30.85
CA ASP A 14 23.07 1.97 -31.91
C ASP A 14 23.84 1.46 -33.13
N ASP A 15 24.98 0.80 -32.89
CA ASP A 15 25.84 0.37 -33.98
C ASP A 15 25.42 -0.95 -34.61
N MET A 16 24.48 -1.67 -34.02
CA MET A 16 24.05 -2.99 -34.52
C MET A 16 22.54 -3.04 -34.56
N PRO A 17 21.91 -2.52 -35.61
CA PRO A 17 20.45 -2.57 -35.70
C PRO A 17 19.91 -3.95 -36.02
N GLU A 18 20.70 -4.79 -36.70
CA GLU A 18 20.24 -6.13 -37.05
C GLU A 18 19.96 -6.97 -35.82
N ILE A 19 20.66 -6.70 -34.72
CA ILE A 19 20.40 -7.39 -33.47
C ILE A 19 19.23 -6.75 -32.73
N ARG A 20 19.07 -5.43 -32.86
CA ARG A 20 17.91 -4.78 -32.25
C ARG A 20 16.62 -5.30 -32.86
N ALA A 21 16.59 -5.48 -34.19
CA ALA A 21 15.42 -6.07 -34.83
C ALA A 21 15.28 -7.55 -34.51
N GLY A 22 16.38 -8.22 -34.16
CA GLY A 22 16.30 -9.61 -33.75
C GLY A 22 15.75 -9.74 -32.35
N LEU A 23 16.15 -8.83 -31.45
CA LEU A 23 15.60 -8.83 -30.10
C LEU A 23 14.12 -8.50 -30.10
N TRP A 24 13.68 -7.64 -31.02
CA TRP A 24 12.25 -7.35 -31.12
C TRP A 24 11.49 -8.50 -31.76
N LYS A 25 12.09 -9.14 -32.76
CA LYS A 25 11.47 -10.32 -33.36
C LYS A 25 11.36 -11.46 -32.34
N LEU A 26 12.43 -11.68 -31.57
CA LEU A 26 12.38 -12.69 -30.52
C LEU A 26 11.29 -12.38 -29.51
N HIS A 27 11.05 -11.09 -29.22
CA HIS A 27 10.02 -10.72 -28.26
C HIS A 27 8.62 -11.07 -28.79
N LYS A 28 8.36 -10.78 -30.07
CA LYS A 28 7.08 -11.19 -30.65
C LYS A 28 6.96 -12.71 -30.73
N GLU A 29 8.07 -13.41 -30.95
CA GLU A 29 8.02 -14.87 -31.04
C GLU A 29 7.66 -15.50 -29.71
N VAL A 30 8.37 -15.11 -28.65
CA VAL A 30 8.10 -15.69 -27.33
C VAL A 30 6.69 -15.37 -26.87
N ASN A 31 6.23 -14.14 -27.11
CA ASN A 31 4.87 -13.78 -26.76
C ASN A 31 3.87 -14.60 -27.57
N ALA A 32 4.16 -14.83 -28.85
CA ALA A 32 3.27 -15.68 -29.65
C ALA A 32 3.36 -17.13 -29.20
N GLY A 33 4.55 -17.58 -28.79
CA GLY A 33 4.69 -18.95 -28.33
C GLY A 33 3.88 -19.21 -27.07
N VAL A 34 4.02 -18.33 -26.06
CA VAL A 34 3.26 -18.49 -24.82
C VAL A 34 1.77 -18.42 -25.08
N ARG A 35 1.35 -17.49 -25.95
CA ARG A 35 -0.07 -17.36 -26.26
C ARG A 35 -0.61 -18.64 -26.91
N TYR A 36 0.21 -19.33 -27.69
CA TYR A 36 -0.23 -20.56 -28.32
C TYR A 36 -0.46 -21.66 -27.28
N TYR A 37 0.49 -21.82 -26.34
CA TYR A 37 0.36 -22.88 -25.35
C TYR A 37 -0.70 -22.54 -24.31
N THR A 38 -0.81 -21.26 -23.94
CA THR A 38 -1.85 -20.87 -22.99
C THR A 38 -3.24 -21.07 -23.59
N GLU A 39 -3.41 -20.74 -24.87
CA GLU A 39 -4.69 -20.99 -25.54
C GLU A 39 -5.00 -22.48 -25.56
N TRP A 40 -3.96 -23.32 -25.71
CA TRP A 40 -4.17 -24.76 -25.67
C TRP A 40 -4.68 -25.20 -24.30
N LEU A 41 -4.08 -24.66 -23.23
CA LEU A 41 -4.50 -25.02 -21.88
C LEU A 41 -5.94 -24.62 -21.62
N SER A 42 -6.35 -23.46 -22.12
CA SER A 42 -7.73 -23.01 -21.93
C SER A 42 -8.73 -23.97 -22.58
N LEU A 43 -8.36 -24.60 -23.69
CA LEU A 43 -9.25 -25.55 -24.33
C LEU A 43 -9.28 -26.87 -23.58
N LEU A 44 -8.14 -27.32 -23.04
CA LEU A 44 -8.13 -28.52 -22.22
C LEU A 44 -8.95 -28.31 -20.94
N ARG A 45 -8.96 -27.08 -20.43
CA ARG A 45 -9.75 -26.77 -19.24
C ARG A 45 -11.23 -26.95 -19.50
N GLN A 46 -11.67 -26.68 -20.72
CA GLN A 46 -13.07 -26.77 -21.16
C GLN A 46 -14.04 -26.27 -20.08
N GLU A 47 -13.79 -25.03 -19.66
CA GLU A 47 -14.69 -24.29 -18.77
C GLU A 47 -14.83 -22.87 -19.30
N ASN A 48 -15.76 -22.13 -18.70
CA ASN A 48 -16.06 -20.78 -19.18
C ASN A 48 -14.88 -19.84 -18.96
N LEU A 49 -14.59 -19.03 -19.96
CA LEU A 49 -13.58 -17.98 -19.89
C LEU A 49 -14.28 -16.62 -19.85
N TYR A 50 -13.81 -15.76 -18.96
CA TYR A 50 -14.40 -14.44 -18.78
C TYR A 50 -13.35 -13.35 -19.03
N ARG A 51 -13.79 -12.25 -19.65
CA ARG A 51 -12.92 -11.16 -20.03
C ARG A 51 -13.44 -9.85 -19.44
N ARG A 52 -12.64 -8.80 -19.61
CA ARG A 52 -13.04 -7.48 -19.12
C ARG A 52 -14.19 -6.94 -19.97
N SER A 53 -15.20 -6.41 -19.30
CA SER A 53 -16.38 -5.92 -19.99
C SER A 53 -16.11 -4.55 -20.59
N PRO A 54 -16.21 -4.38 -21.91
CA PRO A 54 -16.18 -3.05 -22.49
C PRO A 54 -17.52 -2.36 -22.29
N ASN A 55 -17.56 -1.07 -22.68
CA ASN A 55 -18.77 -0.26 -22.57
C ASN A 55 -19.25 -0.18 -21.13
N GLY A 56 -18.32 -0.12 -20.19
CA GLY A 56 -18.63 -0.09 -18.78
C GLY A 56 -17.75 -1.02 -17.97
N ASP A 57 -16.79 -0.44 -17.25
CA ASP A 57 -15.87 -1.23 -16.44
C ASP A 57 -16.52 -1.58 -15.11
N GLY A 58 -16.44 -2.86 -14.73
CA GLY A 58 -17.03 -3.33 -13.49
C GLY A 58 -17.35 -4.80 -13.54
N GLU A 59 -18.46 -5.14 -14.18
CA GLU A 59 -18.83 -6.54 -14.36
C GLU A 59 -17.93 -7.18 -15.42
N GLN A 60 -18.22 -8.45 -15.72
CA GLN A 60 -17.42 -9.20 -16.69
C GLN A 60 -18.34 -10.03 -17.56
N GLU A 61 -17.88 -10.33 -18.77
CA GLU A 61 -18.65 -11.05 -19.76
C GLU A 61 -18.03 -12.41 -20.03
N CYS A 62 -18.77 -13.25 -20.75
CA CYS A 62 -18.32 -14.59 -21.10
C CYS A 62 -17.69 -14.53 -22.49
N ASP A 63 -16.36 -14.50 -22.54
CA ASP A 63 -15.66 -14.45 -23.81
C ASP A 63 -15.80 -15.77 -24.57
N LYS A 64 -15.67 -16.89 -23.87
CA LYS A 64 -15.76 -18.20 -24.49
C LYS A 64 -16.39 -19.15 -23.48
N THR A 65 -17.54 -19.72 -23.83
CA THR A 65 -18.26 -20.58 -22.91
C THR A 65 -17.67 -21.98 -22.92
N ALA A 66 -18.21 -22.85 -22.05
CA ALA A 66 -17.71 -24.21 -21.93
C ALA A 66 -17.96 -25.01 -23.20
N GLU A 67 -19.17 -24.90 -23.77
CA GLU A 67 -19.46 -25.60 -25.00
C GLU A 67 -18.59 -25.09 -26.14
N GLU A 68 -18.34 -23.78 -26.18
CA GLU A 68 -17.42 -23.23 -27.17
C GLU A 68 -16.02 -23.81 -27.03
N CYS A 69 -15.62 -24.15 -25.80
CA CYS A 69 -14.29 -24.74 -25.60
C CYS A 69 -14.27 -26.18 -26.05
N LYS A 70 -15.24 -26.98 -25.61
CA LYS A 70 -15.25 -28.40 -25.94
C LYS A 70 -15.38 -28.61 -27.45
N ALA A 71 -16.23 -27.82 -28.10
CA ALA A 71 -16.37 -27.92 -29.55
C ALA A 71 -15.07 -27.54 -30.25
N GLU A 72 -14.42 -26.46 -29.79
CA GLU A 72 -13.15 -26.06 -30.37
C GLU A 72 -12.03 -27.02 -29.97
N LEU A 73 -12.07 -27.56 -28.76
CA LEU A 73 -11.07 -28.53 -28.33
C LEU A 73 -11.18 -29.81 -29.15
N LEU A 74 -12.39 -30.31 -29.34
CA LEU A 74 -12.57 -31.51 -30.16
C LEU A 74 -12.18 -31.24 -31.61
N GLU A 75 -12.44 -30.03 -32.11
CA GLU A 75 -12.00 -29.68 -33.46
C GLU A 75 -10.50 -29.81 -33.60
N ARG A 76 -9.74 -29.40 -32.58
CA ARG A 76 -8.29 -29.57 -32.62
C ARG A 76 -7.91 -31.03 -32.46
N LEU A 77 -8.54 -31.74 -31.52
CA LEU A 77 -8.17 -33.13 -31.26
C LEU A 77 -8.42 -34.03 -32.47
N ARG A 78 -9.58 -33.87 -33.11
CA ARG A 78 -9.87 -34.67 -34.29
C ARG A 78 -8.88 -34.36 -35.41
N ALA A 79 -8.59 -33.08 -35.64
CA ALA A 79 -7.65 -32.71 -36.68
C ALA A 79 -6.25 -33.21 -36.37
N ARG A 80 -5.90 -33.36 -35.10
CA ARG A 80 -4.59 -33.86 -34.74
C ARG A 80 -4.46 -35.35 -35.02
N GLN A 81 -5.54 -36.11 -34.79
CA GLN A 81 -5.54 -37.53 -35.13
C GLN A 81 -5.31 -37.71 -36.63
N VAL A 82 -5.92 -36.88 -37.45
CA VAL A 82 -5.72 -36.95 -38.89
C VAL A 82 -4.26 -36.63 -39.24
N GLU A 83 -3.70 -35.61 -38.59
CA GLU A 83 -2.32 -35.22 -38.89
C GLU A 83 -1.34 -36.30 -38.48
N ASN A 84 -1.60 -36.98 -37.36
CA ASN A 84 -0.74 -38.05 -36.92
C ASN A 84 -0.99 -39.35 -37.68
N GLY A 85 -1.95 -39.39 -38.59
CA GLY A 85 -2.24 -40.59 -39.34
C GLY A 85 -2.68 -41.75 -38.48
N HIS A 86 -3.66 -41.50 -37.60
CA HIS A 86 -4.12 -42.50 -36.65
C HIS A 86 -5.03 -43.50 -37.37
N ARG A 87 -4.66 -44.78 -37.31
CA ARG A 87 -5.46 -45.84 -37.91
C ARG A 87 -6.21 -46.67 -36.87
N GLY A 88 -5.96 -46.44 -35.58
CA GLY A 88 -6.62 -47.18 -34.54
C GLY A 88 -7.95 -46.56 -34.15
N PRO A 89 -8.34 -46.74 -32.89
CA PRO A 89 -9.60 -46.15 -32.43
C PRO A 89 -9.45 -44.66 -32.17
N ALA A 90 -10.46 -43.90 -32.59
CA ALA A 90 -10.43 -42.44 -32.41
C ALA A 90 -11.03 -42.00 -31.09
N GLY A 91 -11.76 -42.87 -30.40
CA GLY A 91 -12.35 -42.52 -29.11
C GLY A 91 -13.56 -41.62 -29.20
N SER A 92 -14.49 -41.77 -28.25
CA SER A 92 -15.70 -40.97 -28.26
C SER A 92 -15.40 -39.52 -27.91
N ASP A 93 -16.33 -38.64 -28.26
CA ASP A 93 -16.22 -37.23 -27.90
C ASP A 93 -16.09 -37.07 -26.38
N ASP A 94 -16.84 -37.88 -25.63
CA ASP A 94 -16.76 -37.82 -24.17
C ASP A 94 -15.43 -38.39 -23.66
N GLU A 95 -14.90 -39.42 -24.31
CA GLU A 95 -13.61 -39.96 -23.91
C GLU A 95 -12.48 -38.95 -24.11
N LEU A 96 -12.48 -38.26 -25.25
CA LEU A 96 -11.43 -37.28 -25.51
C LEU A 96 -11.56 -36.08 -24.59
N LEU A 97 -12.79 -35.62 -24.33
CA LEU A 97 -12.97 -34.47 -23.45
C LEU A 97 -12.52 -34.78 -22.03
N GLN A 98 -12.78 -36.00 -21.56
CA GLN A 98 -12.33 -36.39 -20.23
C GLN A 98 -10.82 -36.58 -20.19
N LEU A 99 -10.24 -37.14 -21.26
CA LEU A 99 -8.79 -37.29 -21.32
C LEU A 99 -8.10 -35.95 -21.31
N ALA A 100 -8.60 -35.00 -22.11
CA ALA A 100 -8.03 -33.67 -22.13
C ALA A 100 -8.19 -32.98 -20.79
N ARG A 101 -9.31 -33.23 -20.09
CA ARG A 101 -9.50 -32.66 -18.76
C ARG A 101 -8.53 -33.28 -17.76
N GLN A 102 -8.29 -34.60 -17.86
CA GLN A 102 -7.31 -35.24 -16.99
C GLN A 102 -5.92 -34.65 -17.19
N LEU A 103 -5.53 -34.44 -18.45
CA LEU A 103 -4.21 -33.88 -18.73
C LEU A 103 -4.09 -32.46 -18.21
N TYR A 104 -5.16 -31.67 -18.34
CA TYR A 104 -5.12 -30.29 -17.90
C TYR A 104 -4.90 -30.19 -16.39
N GLU A 105 -5.57 -31.05 -15.63
CA GLU A 105 -5.41 -31.05 -14.18
C GLU A 105 -4.08 -31.65 -13.74
N LEU A 106 -3.38 -32.34 -14.63
CA LEU A 106 -1.98 -32.68 -14.39
C LEU A 106 -1.06 -31.52 -14.75
N LEU A 107 -1.39 -30.78 -15.82
CA LEU A 107 -0.58 -29.62 -16.20
C LEU A 107 -0.76 -28.46 -15.23
N VAL A 108 -2.01 -28.15 -14.88
CA VAL A 108 -2.31 -27.09 -13.91
C VAL A 108 -3.03 -27.73 -12.72
N PRO A 109 -2.30 -28.27 -11.74
CA PRO A 109 -2.97 -28.90 -10.60
C PRO A 109 -3.82 -27.95 -9.77
N GLN A 110 -3.62 -26.63 -9.90
CA GLN A 110 -4.42 -25.68 -9.15
C GLN A 110 -5.87 -25.66 -9.58
N ALA A 111 -6.19 -26.22 -10.74
CA ALA A 111 -7.58 -26.25 -11.18
C ALA A 111 -8.46 -27.01 -10.19
N ILE A 112 -7.94 -28.10 -9.62
CA ILE A 112 -8.66 -28.86 -8.61
C ILE A 112 -8.25 -28.50 -7.21
N GLY A 113 -7.34 -27.54 -7.04
CA GLY A 113 -6.92 -27.11 -5.73
C GLY A 113 -5.59 -27.65 -5.26
N ALA A 114 -4.82 -28.27 -6.15
CA ALA A 114 -3.55 -28.87 -5.77
C ALA A 114 -2.40 -27.88 -5.98
N LYS A 115 -1.23 -28.25 -5.46
CA LYS A 115 -0.02 -27.49 -5.68
C LYS A 115 0.70 -27.98 -6.93
N GLY A 116 1.44 -27.08 -7.56
CA GLY A 116 2.17 -27.45 -8.76
C GLY A 116 3.44 -26.64 -8.97
N ASP A 117 4.49 -27.31 -9.44
CA ASP A 117 5.76 -26.67 -9.75
C ASP A 117 5.78 -26.34 -11.24
N ALA A 118 5.71 -25.05 -11.57
CA ALA A 118 5.71 -24.64 -12.97
C ALA A 118 6.98 -25.05 -13.69
N GLN A 119 8.11 -25.11 -12.97
CA GLN A 119 9.36 -25.55 -13.58
C GLN A 119 9.28 -27.01 -14.01
N GLN A 120 8.87 -27.89 -13.09
CA GLN A 120 8.95 -29.32 -13.35
C GLN A 120 7.77 -29.83 -14.17
N ILE A 121 6.61 -29.19 -14.07
CA ILE A 121 5.48 -29.60 -14.89
C ILE A 121 5.78 -29.33 -16.36
N ALA A 122 6.36 -28.16 -16.66
CA ALA A 122 6.70 -27.83 -18.04
C ALA A 122 7.80 -28.74 -18.58
N ARG A 123 8.79 -29.08 -17.75
CA ARG A 123 9.85 -29.97 -18.19
C ARG A 123 9.34 -31.38 -18.42
N LYS A 124 8.33 -31.82 -17.66
CA LYS A 124 7.86 -33.19 -17.69
C LYS A 124 6.92 -33.47 -18.86
N PHE A 125 6.24 -32.45 -19.41
CA PHE A 125 5.17 -32.68 -20.38
C PHE A 125 5.44 -32.12 -21.76
N LEU A 126 6.32 -31.13 -21.91
CA LEU A 126 6.48 -30.46 -23.20
C LEU A 126 6.89 -31.45 -24.29
N SER A 127 7.91 -32.28 -24.01
CA SER A 127 8.31 -33.28 -25.00
C SER A 127 7.26 -34.37 -25.16
N PRO A 128 6.73 -35.00 -24.10
CA PRO A 128 5.71 -36.05 -24.30
C PRO A 128 4.45 -35.56 -25.01
N LEU A 129 4.23 -34.26 -25.11
CA LEU A 129 3.01 -33.74 -25.72
C LEU A 129 3.26 -33.12 -27.09
N ALA A 130 4.52 -32.91 -27.49
CA ALA A 130 4.82 -32.34 -28.79
C ALA A 130 5.90 -33.09 -29.55
N ASP A 131 6.66 -33.95 -28.90
CA ASP A 131 7.70 -34.73 -29.57
C ASP A 131 7.09 -36.03 -30.07
N LYS A 132 7.20 -36.27 -31.39
CA LYS A 132 6.63 -37.46 -31.99
C LYS A 132 7.20 -38.74 -31.40
N ASP A 133 8.46 -38.70 -30.98
CA ASP A 133 9.18 -39.88 -30.51
C ASP A 133 9.56 -39.78 -29.03
N ALA A 134 8.79 -39.02 -28.26
CA ALA A 134 9.11 -38.80 -26.86
C ALA A 134 8.78 -40.02 -26.00
N VAL A 135 9.63 -40.26 -25.01
CA VAL A 135 9.45 -41.36 -24.07
C VAL A 135 9.38 -40.88 -22.63
N GLY A 136 9.51 -39.58 -22.38
CA GLY A 136 9.40 -39.06 -21.04
C GLY A 136 7.99 -39.15 -20.48
N GLY A 137 7.89 -38.95 -19.17
CA GLY A 137 6.68 -39.20 -18.38
C GLY A 137 6.35 -40.67 -18.10
N LEU A 138 6.66 -41.55 -19.06
CA LEU A 138 6.54 -42.98 -18.83
C LEU A 138 7.65 -43.41 -17.87
N GLY A 139 7.78 -44.71 -17.65
CA GLY A 139 8.82 -45.22 -16.77
C GLY A 139 9.97 -45.86 -17.52
N ILE A 140 10.08 -45.57 -18.82
CA ILE A 140 11.06 -46.25 -19.67
C ILE A 140 12.43 -45.58 -19.58
N ALA A 141 12.47 -44.25 -19.50
CA ALA A 141 13.73 -43.53 -19.60
C ALA A 141 14.65 -43.85 -18.43
N LYS A 142 15.93 -44.02 -18.74
CA LYS A 142 16.96 -44.28 -17.73
C LYS A 142 17.70 -43.02 -17.32
N ALA A 143 17.66 -41.98 -18.14
CA ALA A 143 18.35 -40.74 -17.85
C ALA A 143 17.61 -39.98 -16.75
N GLY A 144 18.01 -38.74 -16.54
CA GLY A 144 17.40 -37.89 -15.54
C GLY A 144 18.17 -37.89 -14.24
N ASN A 145 17.85 -36.92 -13.39
CA ASN A 145 18.49 -36.82 -12.09
C ASN A 145 18.10 -37.99 -11.21
N LYS A 146 19.06 -38.44 -10.39
CA LYS A 146 18.82 -39.59 -9.54
C LYS A 146 17.82 -39.25 -8.44
N PRO A 147 16.95 -40.19 -8.08
CA PRO A 147 15.96 -39.93 -7.02
C PRO A 147 16.64 -39.65 -5.69
N ARG A 148 15.81 -39.21 -4.73
CA ARG A 148 16.33 -38.90 -3.39
C ARG A 148 16.96 -40.10 -2.73
N TRP A 149 16.32 -41.28 -2.82
CA TRP A 149 16.80 -42.44 -2.10
C TRP A 149 18.09 -42.98 -2.70
N VAL A 150 18.30 -42.78 -4.00
CA VAL A 150 19.55 -43.21 -4.61
C VAL A 150 20.70 -42.36 -4.10
N ARG A 151 20.48 -41.05 -3.96
CA ARG A 151 21.51 -40.17 -3.40
C ARG A 151 21.79 -40.53 -1.95
N MET A 152 20.75 -40.86 -1.19
CA MET A 152 20.95 -41.31 0.18
C MET A 152 21.69 -42.63 0.23
N ARG A 153 21.34 -43.56 -0.65
CA ARG A 153 21.94 -44.89 -0.64
C ARG A 153 23.44 -44.84 -0.93
N GLU A 154 23.87 -43.91 -1.80
CA GLU A 154 25.28 -43.79 -2.10
C GLU A 154 26.05 -43.08 -1.00
N ALA A 155 25.41 -42.12 -0.33
CA ALA A 155 26.03 -41.39 0.78
C ALA A 155 24.99 -40.63 1.58
N GLY A 156 24.77 -41.04 2.83
CA GLY A 156 23.80 -40.38 3.69
C GLY A 156 22.63 -41.29 4.06
N GLU A 157 22.92 -42.58 4.21
CA GLU A 157 21.89 -43.57 4.48
C GLU A 157 21.34 -43.43 5.90
N TRP A 160 17.06 -44.04 3.47
CA TRP A 160 16.96 -45.04 2.41
C TRP A 160 15.64 -45.81 2.49
N GLU A 161 15.41 -46.46 3.63
CA GLU A 161 14.27 -47.37 3.75
C GLU A 161 12.95 -46.63 3.49
N GLU A 162 12.70 -45.55 4.22
CA GLU A 162 11.45 -44.83 4.04
C GLU A 162 11.42 -44.05 2.72
N GLU A 163 12.57 -43.58 2.24
CA GLU A 163 12.58 -42.74 1.05
C GLU A 163 12.39 -43.55 -0.23
N LYS A 164 12.81 -44.81 -0.25
CA LYS A 164 12.50 -45.65 -1.40
C LYS A 164 11.02 -46.00 -1.43
N GLU A 165 10.38 -46.10 -0.26
CA GLU A 165 8.94 -46.30 -0.20
C GLU A 165 8.19 -45.11 -0.80
N LYS A 166 8.61 -43.89 -0.45
CA LYS A 166 7.91 -42.69 -0.93
C LYS A 166 7.98 -42.55 -2.45
N ALA A 167 8.99 -43.12 -3.10
CA ALA A 167 9.06 -43.07 -4.56
C ALA A 167 7.94 -43.91 -5.18
N GLU A 168 7.73 -45.12 -4.66
CA GLU A 168 6.72 -46.01 -5.24
C GLU A 168 5.31 -45.53 -4.91
N THR A 169 5.05 -45.21 -3.65
CA THR A 169 3.70 -44.80 -3.25
C THR A 169 3.28 -43.47 -3.87
N ARG A 170 4.24 -42.67 -4.35
CA ARG A 170 3.92 -41.49 -5.14
C ARG A 170 3.81 -41.81 -6.62
N LYS A 171 4.70 -42.67 -7.12
CA LYS A 171 4.56 -43.16 -8.49
C LYS A 171 3.23 -43.87 -8.69
N SER A 172 2.64 -44.41 -7.62
CA SER A 172 1.33 -45.04 -7.72
C SER A 172 0.27 -44.02 -8.09
N ALA A 173 0.22 -42.91 -7.36
CA ALA A 173 -0.77 -41.87 -7.58
C ALA A 173 -0.43 -40.97 -8.77
N ASP A 174 0.48 -41.40 -9.65
CA ASP A 174 0.93 -40.59 -10.78
C ASP A 174 0.23 -41.11 -12.04
N ARG A 175 -0.83 -40.41 -12.45
CA ARG A 175 -1.59 -40.78 -13.64
C ARG A 175 -0.95 -40.25 -14.92
N THR A 176 0.29 -39.76 -14.85
CA THR A 176 0.95 -39.24 -16.04
C THR A 176 1.19 -40.35 -17.05
N ALA A 177 1.68 -41.50 -16.60
CA ALA A 177 2.00 -42.58 -17.53
C ALA A 177 0.76 -43.06 -18.27
N ASP A 178 -0.39 -43.08 -17.60
CA ASP A 178 -1.60 -43.61 -18.22
C ASP A 178 -2.27 -42.57 -19.10
N VAL A 179 -2.27 -41.30 -18.68
CA VAL A 179 -2.80 -40.24 -19.54
C VAL A 179 -1.99 -40.18 -20.83
N LEU A 180 -0.67 -40.37 -20.74
CA LEU A 180 0.16 -40.35 -21.93
C LEU A 180 -0.14 -41.52 -22.85
N ARG A 181 -0.25 -42.72 -22.28
CA ARG A 181 -0.56 -43.89 -23.11
C ARG A 181 -1.97 -43.79 -23.68
N ALA A 182 -2.90 -43.25 -22.92
CA ALA A 182 -4.24 -43.00 -23.44
C ALA A 182 -4.21 -41.98 -24.57
N LEU A 183 -3.37 -40.94 -24.43
CA LEU A 183 -3.17 -40.01 -25.53
C LEU A 183 -2.53 -40.69 -26.73
N ALA A 184 -1.64 -41.65 -26.47
CA ALA A 184 -1.00 -42.37 -27.57
C ALA A 184 -1.97 -43.28 -28.30
N ASP A 185 -2.87 -43.92 -27.56
CA ASP A 185 -3.80 -44.86 -28.19
C ASP A 185 -4.88 -44.16 -29.02
N PHE A 186 -5.11 -42.88 -28.78
CA PHE A 186 -6.09 -42.12 -29.54
C PHE A 186 -5.45 -41.33 -30.68
N GLY A 187 -4.20 -41.64 -31.02
CA GLY A 187 -3.53 -40.92 -32.09
C GLY A 187 -3.05 -39.54 -31.74
N LEU A 188 -3.12 -39.15 -30.46
CA LEU A 188 -2.68 -37.84 -30.00
C LEU A 188 -1.27 -37.88 -29.42
N LYS A 189 -0.40 -38.73 -29.97
CA LYS A 189 0.96 -38.83 -29.43
C LYS A 189 1.71 -37.51 -29.50
N PRO A 190 1.72 -36.78 -30.63
CA PRO A 190 2.02 -35.34 -30.54
C PRO A 190 0.73 -34.56 -30.36
N LEU A 191 0.45 -34.10 -29.13
CA LEU A 191 -0.78 -33.35 -28.90
C LEU A 191 -0.68 -31.95 -29.49
N MET A 192 0.33 -31.19 -29.08
CA MET A 192 0.55 -29.84 -29.54
C MET A 192 1.76 -29.81 -30.47
N ARG A 193 2.01 -28.63 -31.02
CA ARG A 193 3.14 -28.44 -31.92
C ARG A 193 4.27 -27.74 -31.18
N VAL A 194 5.49 -28.04 -31.60
CA VAL A 194 6.65 -27.26 -31.17
C VAL A 194 6.61 -25.95 -31.92
N TYR A 195 6.46 -24.84 -31.18
CA TYR A 195 6.21 -23.55 -31.82
C TYR A 195 7.29 -23.18 -32.82
N THR A 196 8.56 -23.29 -32.40
CA THR A 196 9.65 -22.94 -33.31
C THR A 196 9.68 -23.86 -34.53
N ASP A 197 9.16 -25.07 -34.41
CA ASP A 197 9.13 -26.01 -35.52
C ASP A 197 7.70 -26.17 -36.04
N SER A 198 7.08 -25.06 -36.43
CA SER A 198 5.73 -25.08 -36.98
C SER A 198 5.56 -23.88 -37.89
N GLU A 199 4.41 -23.84 -38.57
CA GLU A 199 4.15 -22.77 -39.53
C GLU A 199 3.88 -21.42 -38.88
N MET A 200 3.86 -21.34 -37.55
CA MET A 200 3.55 -20.09 -36.87
C MET A 200 4.73 -19.14 -36.83
N SER A 201 5.95 -19.66 -36.81
CA SER A 201 7.15 -18.83 -36.73
C SER A 201 7.83 -18.77 -38.09
N SER A 202 8.14 -17.54 -38.53
CA SER A 202 8.87 -17.33 -39.77
C SER A 202 10.38 -17.26 -39.55
N VAL A 203 10.84 -17.47 -38.33
CA VAL A 203 12.26 -17.38 -38.01
C VAL A 203 12.97 -18.61 -38.54
N GLU A 204 14.08 -18.40 -39.25
CA GLU A 204 14.93 -19.50 -39.69
C GLU A 204 15.75 -19.95 -38.49
N TRP A 205 15.21 -20.89 -37.72
CA TRP A 205 15.89 -21.38 -36.54
C TRP A 205 17.03 -22.34 -36.93
N LYS A 206 17.96 -22.53 -36.00
CA LYS A 206 19.04 -23.47 -36.22
C LYS A 206 18.45 -24.86 -36.47
N PRO A 207 18.93 -25.59 -37.48
CA PRO A 207 18.34 -26.90 -37.78
C PRO A 207 18.36 -27.82 -36.55
N LEU A 208 17.31 -28.63 -36.43
CA LEU A 208 17.20 -29.54 -35.29
C LEU A 208 18.24 -30.65 -35.37
N ARG A 209 18.88 -30.93 -34.23
CA ARG A 209 19.84 -32.03 -34.12
C ARG A 209 19.13 -33.38 -34.32
N LYS A 210 19.88 -34.48 -34.36
CA LYS A 210 19.23 -35.78 -34.37
C LYS A 210 18.58 -36.04 -33.01
N GLY A 211 17.36 -36.58 -33.03
CA GLY A 211 16.66 -36.83 -31.78
C GLY A 211 16.21 -35.60 -31.04
N GLN A 212 16.18 -34.46 -31.72
CA GLN A 212 15.70 -33.20 -31.14
C GLN A 212 14.43 -32.78 -31.87
N ALA A 213 13.43 -32.35 -31.10
CA ALA A 213 12.24 -31.76 -31.66
C ALA A 213 11.82 -30.49 -30.95
N VAL A 214 12.36 -30.20 -29.77
CA VAL A 214 12.07 -29.01 -29.00
C VAL A 214 13.34 -28.20 -28.83
N ARG A 215 13.23 -26.89 -29.02
CA ARG A 215 14.32 -25.97 -28.78
C ARG A 215 14.20 -25.37 -27.38
N THR A 216 15.27 -24.70 -26.95
CA THR A 216 15.26 -24.05 -25.64
C THR A 216 14.24 -22.92 -25.61
N TRP A 217 13.96 -22.30 -26.76
CA TRP A 217 12.97 -21.22 -26.82
C TRP A 217 11.58 -21.75 -26.52
N ASP A 218 11.25 -22.95 -27.01
CA ASP A 218 9.93 -23.50 -26.74
C ASP A 218 9.75 -23.87 -25.28
N ARG A 219 10.82 -24.35 -24.64
CA ARG A 219 10.72 -24.68 -23.22
C ARG A 219 10.55 -23.44 -22.36
N ASP A 220 11.09 -22.31 -22.80
CA ASP A 220 10.82 -21.05 -22.13
C ASP A 220 9.36 -20.63 -22.30
N MET A 221 8.84 -20.78 -23.52
CA MET A 221 7.46 -20.39 -23.79
C MET A 221 6.48 -21.26 -23.02
N PHE A 222 6.76 -22.56 -22.92
CA PHE A 222 5.81 -23.46 -22.29
C PHE A 222 5.72 -23.22 -20.80
N GLN A 223 6.86 -22.97 -20.14
CA GLN A 223 6.86 -22.75 -18.70
C GLN A 223 6.08 -21.48 -18.35
N GLN A 224 6.33 -20.39 -19.08
CA GLN A 224 5.61 -19.16 -18.83
C GLN A 224 4.11 -19.29 -19.10
N ALA A 225 3.71 -20.24 -19.95
CA ALA A 225 2.28 -20.50 -20.13
C ALA A 225 1.72 -21.25 -18.92
N ILE A 226 2.51 -22.15 -18.34
CA ILE A 226 2.06 -22.88 -17.16
C ILE A 226 1.98 -21.96 -15.96
N GLU A 227 2.90 -21.00 -15.87
CA GLU A 227 2.92 -20.10 -14.72
C GLU A 227 1.66 -19.24 -14.66
N ARG A 228 1.38 -18.51 -15.75
CA ARG A 228 0.20 -17.65 -15.77
C ARG A 228 -1.08 -18.46 -15.65
N MET A 229 -1.10 -19.68 -16.17
CA MET A 229 -2.28 -20.52 -16.04
C MET A 229 -2.45 -21.03 -14.61
N MET A 230 -1.36 -21.19 -13.88
CA MET A 230 -1.44 -21.66 -12.51
C MET A 230 -1.99 -20.57 -11.60
N SER A 231 -1.39 -19.37 -11.65
CA SER A 231 -1.83 -18.30 -10.77
C SER A 231 -3.27 -17.87 -11.07
N TRP A 232 -3.68 -17.95 -12.34
CA TRP A 232 -5.06 -17.59 -12.67
C TRP A 232 -6.04 -18.59 -12.11
N GLU A 233 -5.75 -19.90 -12.24
CA GLU A 233 -6.61 -20.91 -11.64
C GLU A 233 -6.65 -20.77 -10.13
N SER A 234 -5.50 -20.45 -9.51
CA SER A 234 -5.50 -20.19 -8.08
C SER A 234 -6.39 -19.00 -7.73
N TRP A 235 -6.59 -18.08 -8.67
CA TRP A 235 -7.48 -16.96 -8.39
C TRP A 235 -8.93 -17.30 -8.69
N ASN A 236 -9.18 -18.14 -9.71
CA ASN A 236 -10.54 -18.63 -9.93
C ASN A 236 -11.07 -19.30 -8.68
N GLN A 237 -10.24 -20.12 -8.03
CA GLN A 237 -10.66 -20.74 -6.78
C GLN A 237 -10.79 -19.72 -5.66
N ARG A 238 -9.91 -18.71 -5.64
CA ARG A 238 -9.94 -17.73 -4.58
C ARG A 238 -11.14 -16.79 -4.71
N VAL A 239 -11.46 -16.39 -5.94
CA VAL A 239 -12.58 -15.48 -6.15
C VAL A 239 -13.90 -16.17 -5.81
N GLY A 240 -14.08 -17.42 -6.25
CA GLY A 240 -15.30 -18.14 -5.95
C GLY A 240 -15.47 -18.41 -4.47
N GLN A 241 -14.35 -18.70 -3.78
CA GLN A 241 -14.41 -18.89 -2.33
C GLN A 241 -14.81 -17.60 -1.63
N GLU A 242 -14.17 -16.49 -1.97
CA GLU A 242 -14.49 -15.22 -1.33
C GLU A 242 -15.87 -14.71 -1.71
N TYR A 243 -16.40 -15.14 -2.85
CA TYR A 243 -17.78 -14.80 -3.19
C TYR A 243 -18.77 -15.64 -2.38
N ALA A 244 -18.43 -16.90 -2.09
CA ALA A 244 -19.30 -17.73 -1.29
C ALA A 244 -19.39 -17.22 0.14
N LYS A 245 -18.25 -16.85 0.73
CA LYS A 245 -18.25 -16.31 2.08
C LYS A 245 -19.00 -14.99 2.17
N LEU A 246 -19.18 -14.30 1.04
CA LEU A 246 -19.96 -13.08 1.04
C LEU A 246 -21.45 -13.38 1.14
N VAL A 247 -21.92 -14.37 0.37
CA VAL A 247 -23.32 -14.77 0.46
C VAL A 247 -23.64 -15.31 1.85
N GLU A 248 -22.73 -16.10 2.42
CA GLU A 248 -22.90 -16.52 3.80
C GLU A 248 -22.84 -15.35 4.77
N GLN A 249 -22.01 -14.33 4.49
CA GLN A 249 -21.97 -13.16 5.37
C GLN A 249 -23.28 -12.40 5.34
N LYS A 250 -23.87 -12.24 4.16
CA LYS A 250 -25.13 -11.52 4.05
C LYS A 250 -26.22 -12.18 4.87
N ASN A 251 -26.32 -13.52 4.82
CA ASN A 251 -27.38 -14.25 5.48
C ASN A 251 -27.07 -14.57 6.95
N ARG A 252 -25.81 -14.87 7.29
CA ARG A 252 -25.41 -14.97 8.69
C ARG A 252 -25.55 -13.66 9.46
N PHE A 253 -26.02 -12.56 8.85
CA PHE A 253 -26.05 -11.24 9.48
C PHE A 253 -27.44 -10.77 9.84
N GLU A 254 -28.39 -10.93 8.91
CA GLU A 254 -29.76 -10.50 9.14
C GLU A 254 -30.35 -11.17 10.36
N GLN A 255 -30.22 -12.50 10.45
CA GLN A 255 -30.76 -13.26 11.55
C GLN A 255 -29.77 -13.44 12.69
N LYS A 256 -28.78 -12.56 12.79
CA LYS A 256 -27.85 -12.56 13.91
C LYS A 256 -27.65 -11.17 14.51
N ASN A 257 -28.25 -10.13 13.94
CA ASN A 257 -28.10 -8.78 14.45
C ASN A 257 -29.43 -8.15 14.80
N PHE A 258 -30.39 -8.16 13.87
CA PHE A 258 -31.72 -7.59 14.10
C PHE A 258 -32.77 -8.67 13.82
N VAL A 259 -32.78 -9.69 14.68
CA VAL A 259 -33.83 -10.71 14.60
C VAL A 259 -35.15 -10.13 15.05
N GLY A 260 -35.21 -9.66 16.30
CA GLY A 260 -36.39 -9.02 16.84
C GLY A 260 -36.56 -7.56 16.49
N GLN A 261 -35.70 -7.02 15.64
CA GLN A 261 -35.80 -5.64 15.21
C GLN A 261 -36.25 -5.56 13.75
N GLU A 262 -37.33 -6.27 13.42
CA GLU A 262 -37.74 -6.38 12.03
C GLU A 262 -38.49 -5.15 11.53
N HIS A 263 -39.17 -4.43 12.42
CA HIS A 263 -39.92 -3.25 11.99
C HIS A 263 -39.01 -2.08 11.67
N LEU A 264 -37.84 -2.00 12.33
CA LEU A 264 -36.90 -0.95 11.98
C LEU A 264 -36.29 -1.17 10.59
N VAL A 265 -36.16 -2.44 10.19
CA VAL A 265 -35.62 -2.74 8.86
C VAL A 265 -36.55 -2.23 7.78
N HIS A 266 -37.86 -2.37 7.99
CA HIS A 266 -38.82 -1.87 7.00
C HIS A 266 -38.86 -0.34 6.99
N LEU A 267 -38.50 0.30 8.09
CA LEU A 267 -38.55 1.76 8.16
C LEU A 267 -37.37 2.39 7.44
N VAL A 268 -36.16 1.90 7.69
CA VAL A 268 -34.98 2.43 7.00
C VAL A 268 -35.09 2.17 5.51
N ASN A 269 -35.77 1.08 5.11
CA ASN A 269 -36.01 0.85 3.69
C ASN A 269 -36.91 1.94 3.10
N GLN A 270 -37.94 2.35 3.84
CA GLN A 270 -38.73 3.50 3.42
C GLN A 270 -37.86 4.76 3.38
N LEU A 271 -36.98 4.92 4.37
CA LEU A 271 -36.08 6.07 4.40
C LEU A 271 -35.17 6.09 3.18
N GLN A 272 -34.58 4.93 2.84
CA GLN A 272 -33.63 4.88 1.74
C GLN A 272 -34.29 5.12 0.39
N GLN A 273 -35.58 4.82 0.26
CA GLN A 273 -36.32 5.19 -0.93
C GLN A 273 -36.97 6.56 -0.81
N ASP A 274 -37.06 7.10 0.39
CA ASP A 274 -37.51 8.49 0.57
C ASP A 274 -36.51 9.45 -0.07
N MET A 275 -35.26 9.42 0.41
CA MET A 275 -34.22 10.28 -0.15
C MET A 275 -33.87 9.91 -1.58
N LYS A 276 -34.24 8.70 -2.02
CA LYS A 276 -33.98 8.29 -3.40
C LYS A 276 -34.83 9.09 -4.37
N GLU A 277 -36.11 9.28 -4.06
CA GLU A 277 -37.02 10.06 -4.90
C GLU A 277 -36.78 11.55 -4.77
N ALA A 278 -36.61 12.05 -3.53
CA ALA A 278 -36.45 13.47 -3.27
C ALA A 278 -35.04 13.99 -3.53
N SER A 279 -34.23 13.25 -4.27
CA SER A 279 -32.84 13.64 -4.50
C SER A 279 -32.73 14.51 -5.75
N PRO A 280 -32.19 15.73 -5.65
CA PRO A 280 -32.00 16.56 -6.84
C PRO A 280 -30.81 16.13 -7.69
N GLY A 281 -30.04 15.14 -7.27
CA GLY A 281 -28.89 14.69 -8.02
C GLY A 281 -29.26 13.87 -9.24
N LEU A 282 -28.28 13.12 -9.73
CA LEU A 282 -28.50 12.28 -10.90
C LEU A 282 -29.42 11.10 -10.56
N GLU A 283 -30.05 10.55 -11.58
CA GLU A 283 -30.93 9.40 -11.40
C GLU A 283 -30.15 8.17 -10.97
N SER A 284 -30.71 7.40 -10.03
CA SER A 284 -30.02 6.27 -9.43
C SER A 284 -29.99 5.08 -10.37
N LYS A 285 -28.97 4.24 -10.22
CA LYS A 285 -28.81 3.10 -11.11
C LYS A 285 -28.37 1.89 -10.31
N GLU A 286 -27.65 2.14 -9.22
CA GLU A 286 -27.19 1.06 -8.37
C GLU A 286 -28.32 0.58 -7.48
N GLN A 287 -28.26 -0.70 -7.12
CA GLN A 287 -29.27 -1.27 -6.24
C GLN A 287 -29.22 -0.62 -4.86
N THR A 288 -28.01 -0.42 -4.33
CA THR A 288 -27.82 0.19 -3.03
C THR A 288 -27.73 1.72 -3.09
N ALA A 289 -28.42 2.34 -4.05
CA ALA A 289 -28.37 3.78 -4.20
C ALA A 289 -29.13 4.43 -3.05
N HIS A 290 -28.54 5.48 -2.47
CA HIS A 290 -29.07 6.22 -1.33
C HIS A 290 -29.22 5.37 -0.08
N TYR A 291 -28.64 4.17 -0.05
CA TYR A 291 -28.70 3.35 1.15
C TYR A 291 -27.87 3.97 2.27
N VAL A 292 -28.26 3.68 3.51
CA VAL A 292 -27.59 4.25 4.67
C VAL A 292 -26.25 3.55 4.85
N THR A 293 -25.16 4.29 4.65
CA THR A 293 -23.80 3.78 4.79
C THR A 293 -23.15 4.37 6.04
N GLY A 294 -22.04 3.74 6.43
CA GLY A 294 -21.30 4.22 7.60
C GLY A 294 -20.68 5.59 7.40
N ARG A 295 -20.37 5.95 6.15
CA ARG A 295 -19.83 7.28 5.89
C ARG A 295 -20.85 8.37 6.22
N ALA A 296 -22.11 8.16 5.82
CA ALA A 296 -23.14 9.16 6.09
C ALA A 296 -23.48 9.26 7.57
N LEU A 297 -23.19 8.23 8.35
CA LEU A 297 -23.46 8.23 9.79
C LEU A 297 -22.23 8.57 10.62
N ARG A 298 -21.25 9.25 10.03
CA ARG A 298 -20.02 9.56 10.77
C ARG A 298 -20.34 10.55 11.89
N GLY A 299 -19.99 10.18 13.12
CA GLY A 299 -20.30 11.02 14.26
C GLY A 299 -21.72 10.94 14.72
N SER A 300 -22.45 9.88 14.35
CA SER A 300 -23.83 9.73 14.78
C SER A 300 -23.96 9.48 16.27
N ASP A 301 -22.90 8.99 16.92
CA ASP A 301 -22.96 8.74 18.35
C ASP A 301 -23.14 10.04 19.12
N LYS A 302 -22.43 11.10 18.73
CA LYS A 302 -22.56 12.38 19.41
C LYS A 302 -23.93 13.00 19.15
N VAL A 303 -24.45 12.84 17.93
CA VAL A 303 -25.73 13.46 17.58
C VAL A 303 -26.88 12.74 18.27
N PHE A 304 -26.78 11.43 18.48
CA PHE A 304 -27.88 10.69 19.07
C PHE A 304 -28.00 10.98 20.56
N GLU A 305 -26.88 11.04 21.29
CA GLU A 305 -26.94 11.34 22.71
C GLU A 305 -27.48 12.74 22.95
N LYS A 306 -27.07 13.70 22.13
CA LYS A 306 -27.60 15.06 22.24
C LYS A 306 -29.06 15.14 21.81
N TRP A 307 -29.55 14.17 21.02
CA TRP A 307 -30.96 14.15 20.66
C TRP A 307 -31.83 13.54 21.75
N GLY A 308 -31.27 12.63 22.56
CA GLY A 308 -32.07 12.00 23.61
C GLY A 308 -32.53 12.99 24.66
N LYS A 309 -31.78 14.07 24.87
CA LYS A 309 -32.13 15.11 25.82
C LYS A 309 -33.18 16.08 25.27
N LEU A 310 -33.87 15.72 24.20
CA LEU A 310 -34.84 16.59 23.54
C LEU A 310 -36.24 15.98 23.61
N ALA A 311 -37.21 16.73 23.09
CA ALA A 311 -38.60 16.32 23.04
C ALA A 311 -38.93 15.79 21.66
N PRO A 312 -39.62 14.65 21.55
CA PRO A 312 -39.97 14.13 20.22
C PRO A 312 -40.85 15.06 19.41
N ASP A 313 -41.64 15.91 20.06
CA ASP A 313 -42.49 16.88 19.39
C ASP A 313 -41.83 18.24 19.22
N ALA A 314 -40.56 18.37 19.64
CA ALA A 314 -39.88 19.65 19.57
C ALA A 314 -39.69 20.07 18.11
N PRO A 315 -39.55 21.37 17.86
CA PRO A 315 -39.35 21.84 16.48
C PRO A 315 -38.03 21.35 15.90
N PHE A 316 -37.90 21.55 14.58
CA PHE A 316 -36.74 21.06 13.86
C PHE A 316 -35.47 21.78 14.29
N ASP A 317 -35.51 23.11 14.35
CA ASP A 317 -34.29 23.89 14.53
C ASP A 317 -33.48 23.46 15.74
N LEU A 318 -34.14 23.02 16.81
CA LEU A 318 -33.40 22.54 17.97
C LEU A 318 -32.80 21.16 17.71
N TYR A 319 -33.42 20.36 16.85
CA TYR A 319 -32.79 19.13 16.41
C TYR A 319 -31.65 19.41 15.42
N ASP A 320 -31.85 20.38 14.53
CA ASP A 320 -30.87 20.66 13.49
C ASP A 320 -29.66 21.39 14.06
N ALA A 321 -29.90 22.43 14.88
CA ALA A 321 -28.79 23.14 15.49
C ALA A 321 -27.95 22.23 16.39
N GLU A 322 -28.52 21.14 16.88
CA GLU A 322 -27.74 20.16 17.62
C GLU A 322 -26.87 19.32 16.70
N ILE A 323 -27.24 19.22 15.41
CA ILE A 323 -26.37 18.58 14.43
C ILE A 323 -25.23 19.50 14.06
N LYS A 324 -25.51 20.78 13.87
CA LYS A 324 -24.47 21.74 13.51
C LYS A 324 -23.38 21.83 14.56
N ASN A 325 -23.73 21.62 15.83
CA ASN A 325 -22.73 21.70 16.90
C ASN A 325 -21.79 20.51 16.87
N VAL A 326 -22.27 19.34 16.47
CA VAL A 326 -21.40 18.17 16.37
C VAL A 326 -20.43 18.33 15.21
N GLN A 327 -20.90 18.89 14.10
CA GLN A 327 -20.03 19.11 12.95
C GLN A 327 -18.98 20.18 13.26
N ARG A 328 -19.36 21.24 13.97
CA ARG A 328 -18.43 22.30 14.29
C ARG A 328 -17.32 21.82 15.21
N ARG A 329 -17.58 20.78 16.02
CA ARG A 329 -16.55 20.25 16.89
C ARG A 329 -15.34 19.76 16.10
N ASN A 330 -15.58 19.15 14.95
CA ASN A 330 -14.53 18.84 13.99
C ASN A 330 -15.19 18.56 12.64
N THR A 331 -14.98 19.48 11.68
CA THR A 331 -15.61 19.33 10.37
C THR A 331 -15.11 18.09 9.62
N ARG A 332 -13.89 17.64 9.93
CA ARG A 332 -13.33 16.50 9.23
C ARG A 332 -14.08 15.21 9.59
N ARG A 333 -14.40 15.02 10.86
CA ARG A 333 -15.06 13.79 11.32
C ARG A 333 -16.56 14.03 11.50
N PHE A 334 -17.25 14.30 10.39
CA PHE A 334 -18.69 14.47 10.40
C PHE A 334 -19.27 13.85 9.14
N GLY A 335 -20.50 13.34 9.24
CA GLY A 335 -21.13 12.72 8.09
C GLY A 335 -22.03 13.63 7.27
N SER A 336 -23.22 13.13 6.94
CA SER A 336 -24.15 13.86 6.08
C SER A 336 -25.12 14.69 6.92
N HIS A 337 -25.29 15.95 6.55
CA HIS A 337 -26.27 16.80 7.23
C HIS A 337 -27.69 16.38 6.88
N ASP A 338 -27.91 15.96 5.62
CA ASP A 338 -29.26 15.64 5.18
C ASP A 338 -29.77 14.34 5.81
N LEU A 339 -28.88 13.39 6.08
CA LEU A 339 -29.29 12.15 6.73
C LEU A 339 -29.79 12.45 8.15
N PHE A 340 -29.01 13.21 8.91
CA PHE A 340 -29.44 13.59 10.26
C PHE A 340 -30.66 14.50 10.22
N ALA A 341 -30.80 15.29 9.15
CA ALA A 341 -31.99 16.14 9.02
C ALA A 341 -33.25 15.30 8.83
N LYS A 342 -33.16 14.22 8.04
CA LYS A 342 -34.30 13.34 7.85
C LYS A 342 -34.51 12.40 9.04
N LEU A 343 -33.44 12.06 9.76
CA LEU A 343 -33.58 11.24 10.96
C LEU A 343 -34.22 12.00 12.11
N ALA A 344 -34.22 13.33 12.06
CA ALA A 344 -34.88 14.12 13.10
C ALA A 344 -36.38 14.22 12.88
N GLU A 345 -36.88 13.86 11.69
CA GLU A 345 -38.31 13.86 11.45
C GLU A 345 -39.00 12.80 12.30
N PRO A 346 -40.19 13.11 12.85
CA PRO A 346 -40.77 12.20 13.85
C PRO A 346 -41.11 10.82 13.31
N GLU A 347 -41.42 10.69 12.02
CA GLU A 347 -41.75 9.38 11.48
C GLU A 347 -40.53 8.47 11.41
N TYR A 348 -39.32 9.02 11.36
CA TYR A 348 -38.10 8.23 11.28
C TYR A 348 -37.32 8.20 12.58
N GLN A 349 -37.81 8.87 13.64
CA GLN A 349 -37.05 8.95 14.88
C GLN A 349 -36.88 7.60 15.56
N ALA A 350 -37.68 6.60 15.19
CA ALA A 350 -37.61 5.30 15.85
C ALA A 350 -36.33 4.53 15.51
N LEU A 351 -35.66 4.89 14.41
CA LEU A 351 -34.44 4.20 14.03
C LEU A 351 -33.33 4.42 15.06
N TRP A 352 -33.28 5.62 15.64
CA TRP A 352 -32.27 5.95 16.63
C TRP A 352 -32.81 6.05 18.05
N ARG A 353 -34.14 6.10 18.22
CA ARG A 353 -34.70 6.20 19.56
C ARG A 353 -34.70 4.85 20.27
N GLU A 354 -35.17 3.81 19.58
CA GLU A 354 -35.23 2.47 20.19
C GLU A 354 -33.84 1.88 20.37
N ASP A 355 -33.16 1.60 19.25
CA ASP A 355 -31.81 1.06 19.26
C ASP A 355 -30.87 2.13 18.71
N ALA A 356 -30.10 2.76 19.60
CA ALA A 356 -29.17 3.79 19.20
C ALA A 356 -27.95 3.24 18.44
N SER A 357 -27.85 1.92 18.29
CA SER A 357 -26.79 1.31 17.50
C SER A 357 -27.34 0.50 16.33
N PHE A 358 -28.63 0.63 16.03
CA PHE A 358 -29.21 -0.16 14.94
C PHE A 358 -28.78 0.36 13.58
N LEU A 359 -28.75 1.69 13.40
CA LEU A 359 -28.45 2.24 12.09
C LEU A 359 -27.02 1.91 11.66
N THR A 360 -26.07 1.95 12.58
CA THR A 360 -24.72 1.52 12.25
C THR A 360 -24.68 0.02 11.96
N ARG A 361 -25.48 -0.77 12.69
CA ARG A 361 -25.58 -2.19 12.39
C ARG A 361 -26.10 -2.40 10.97
N TYR A 362 -27.15 -1.67 10.60
CA TYR A 362 -27.74 -1.83 9.28
C TYR A 362 -26.85 -1.24 8.19
N ALA A 363 -25.95 -0.32 8.53
CA ALA A 363 -25.00 0.18 7.54
C ALA A 363 -24.00 -0.89 7.14
N VAL A 364 -23.57 -1.71 8.11
CA VAL A 364 -22.71 -2.84 7.78
C VAL A 364 -23.42 -3.80 6.84
N TYR A 365 -24.72 -4.02 7.07
CA TYR A 365 -25.50 -4.87 6.17
C TYR A 365 -25.56 -4.29 4.77
N ASN A 366 -25.67 -2.97 4.67
CA ASN A 366 -25.69 -2.34 3.34
C ASN A 366 -24.34 -2.44 2.66
N SER A 367 -23.24 -2.33 3.42
CA SER A 367 -21.92 -2.47 2.82
C SER A 367 -21.72 -3.88 2.28
N ILE A 368 -22.21 -4.89 3.00
CA ILE A 368 -22.16 -6.25 2.48
C ILE A 368 -23.05 -6.38 1.25
N LEU A 369 -24.17 -5.66 1.22
CA LEU A 369 -25.03 -5.68 0.03
C LEU A 369 -24.31 -5.10 -1.18
N ARG A 370 -23.66 -3.95 -1.01
CA ARG A 370 -23.04 -3.28 -2.14
C ARG A 370 -21.84 -4.06 -2.66
N LYS A 371 -20.97 -4.51 -1.74
CA LYS A 371 -19.80 -5.28 -2.16
C LYS A 371 -20.19 -6.62 -2.78
N LEU A 372 -21.40 -7.11 -2.50
CA LEU A 372 -21.85 -8.35 -3.13
C LEU A 372 -22.39 -8.11 -4.54
N ASN A 373 -23.03 -6.96 -4.77
CA ASN A 373 -23.50 -6.64 -6.12
C ASN A 373 -22.35 -6.37 -7.08
N HIS A 374 -21.16 -6.03 -6.56
CA HIS A 374 -19.99 -5.80 -7.38
C HIS A 374 -18.99 -6.94 -7.34
N ALA A 375 -19.09 -7.84 -6.37
CA ALA A 375 -18.13 -8.93 -6.25
C ALA A 375 -18.19 -9.82 -7.48
N LYS A 376 -17.01 -10.13 -8.02
CA LYS A 376 -16.92 -11.03 -9.16
C LYS A 376 -16.96 -12.47 -8.69
N MET A 377 -17.33 -13.36 -9.61
CA MET A 377 -17.37 -14.79 -9.32
C MET A 377 -16.24 -15.56 -9.98
N PHE A 378 -15.55 -14.96 -10.95
CA PHE A 378 -14.47 -15.62 -11.67
C PHE A 378 -13.41 -14.59 -12.02
N ALA A 379 -12.16 -15.02 -12.00
CA ALA A 379 -11.05 -14.15 -12.37
C ALA A 379 -11.00 -14.02 -13.89
N THR A 380 -10.86 -12.79 -14.38
CA THR A 380 -10.82 -12.56 -15.81
C THR A 380 -9.60 -13.25 -16.42
N PHE A 381 -9.76 -13.67 -17.69
CA PHE A 381 -8.74 -14.44 -18.40
C PHE A 381 -8.27 -13.60 -19.58
N THR A 382 -6.97 -13.28 -19.59
CA THR A 382 -6.37 -12.48 -20.65
C THR A 382 -5.14 -13.20 -21.19
N LEU A 383 -5.14 -13.46 -22.49
CA LEU A 383 -3.98 -14.06 -23.13
C LEU A 383 -2.84 -13.05 -23.19
N PRO A 384 -1.60 -13.52 -23.22
CA PRO A 384 -0.47 -12.61 -23.41
C PRO A 384 -0.47 -12.04 -24.82
N ASP A 385 0.05 -10.82 -24.95
CA ASP A 385 0.15 -10.15 -26.24
C ASP A 385 1.49 -9.42 -26.33
N ALA A 386 2.07 -9.40 -27.53
CA ALA A 386 3.40 -8.81 -27.70
C ALA A 386 3.44 -7.33 -27.31
N THR A 387 2.31 -6.63 -27.43
CA THR A 387 2.24 -5.20 -27.18
C THR A 387 1.26 -4.79 -26.08
N ALA A 388 0.17 -5.55 -25.87
CA ALA A 388 -0.82 -5.17 -24.87
C ALA A 388 -0.50 -5.72 -23.49
N HIS A 389 -0.30 -7.03 -23.39
CA HIS A 389 0.02 -7.70 -22.13
C HIS A 389 1.29 -8.52 -22.34
N PRO A 390 2.44 -7.86 -22.39
CA PRO A 390 3.66 -8.54 -22.83
C PRO A 390 4.32 -9.35 -21.72
N ILE A 391 4.80 -10.52 -22.10
CA ILE A 391 5.76 -11.27 -21.30
C ILE A 391 7.12 -11.08 -21.95
N TRP A 392 8.18 -11.42 -21.22
CA TRP A 392 9.53 -11.13 -21.67
C TRP A 392 10.33 -12.41 -21.83
N THR A 393 11.20 -12.43 -22.84
CA THR A 393 12.05 -13.58 -23.11
C THR A 393 13.09 -13.74 -22.00
N ARG A 394 13.06 -14.87 -21.31
CA ARG A 394 14.00 -15.15 -20.25
C ARG A 394 15.31 -15.70 -20.81
N PHE A 395 16.36 -15.56 -20.01
CA PHE A 395 17.68 -16.09 -20.34
C PHE A 395 18.29 -16.66 -19.07
N ASP A 396 18.49 -17.97 -19.04
CA ASP A 396 19.12 -18.58 -17.89
C ASP A 396 20.56 -18.08 -17.74
N LYS A 397 21.07 -18.17 -16.52
CA LYS A 397 22.45 -17.81 -16.24
C LYS A 397 23.39 -18.81 -16.89
N LEU A 398 24.70 -18.58 -16.74
CA LEU A 398 25.68 -19.49 -17.30
C LEU A 398 25.59 -20.84 -16.60
N GLY A 399 25.33 -21.89 -17.36
CA GLY A 399 25.11 -23.20 -16.81
C GLY A 399 23.66 -23.64 -16.79
N GLY A 400 22.74 -22.70 -16.96
CA GLY A 400 21.31 -23.02 -16.98
C GLY A 400 20.92 -23.88 -18.16
N ASN A 401 19.64 -24.26 -18.21
CA ASN A 401 19.16 -25.17 -19.25
C ASN A 401 18.56 -24.43 -20.44
N LEU A 402 18.17 -23.18 -20.27
CA LEU A 402 17.68 -22.39 -21.38
C LEU A 402 18.86 -21.77 -22.14
N HIS A 403 18.53 -20.98 -23.15
CA HIS A 403 19.49 -20.07 -23.77
C HIS A 403 20.12 -19.18 -22.72
N GLN A 404 21.45 -19.20 -22.65
CA GLN A 404 22.18 -18.60 -21.55
C GLN A 404 22.74 -17.24 -21.94
N TYR A 405 23.43 -16.62 -20.99
CA TYR A 405 24.09 -15.34 -21.20
C TYR A 405 25.25 -15.23 -20.23
N THR A 406 26.27 -14.48 -20.63
CA THR A 406 27.37 -14.13 -19.75
C THR A 406 27.43 -12.62 -19.56
N PHE A 407 27.70 -12.20 -18.34
CA PHE A 407 27.98 -10.80 -18.06
C PHE A 407 29.48 -10.60 -18.09
N LEU A 408 29.95 -9.82 -19.06
CA LEU A 408 31.37 -9.63 -19.31
C LEU A 408 31.84 -8.34 -18.64
N PHE A 409 32.62 -8.48 -17.57
CA PHE A 409 33.10 -7.31 -16.84
C PHE A 409 34.18 -6.59 -17.64
N ASN A 410 33.97 -5.29 -17.87
CA ASN A 410 34.98 -4.41 -18.46
C ASN A 410 35.46 -4.93 -19.81
N GLU A 411 34.51 -5.27 -20.67
CA GLU A 411 34.85 -5.84 -21.98
C GLU A 411 35.42 -4.81 -22.93
N PHE A 412 35.05 -3.53 -22.75
CA PHE A 412 35.48 -2.48 -23.67
C PHE A 412 36.11 -1.27 -22.99
N GLY A 413 36.21 -1.25 -21.67
CA GLY A 413 36.79 -0.11 -20.99
C GLY A 413 36.76 -0.29 -19.50
N GLU A 414 37.05 0.81 -18.80
CA GLU A 414 37.06 0.77 -17.33
C GLU A 414 35.71 0.37 -16.78
N ARG A 415 34.64 1.03 -17.23
CA ARG A 415 33.28 0.72 -16.80
C ARG A 415 32.38 0.33 -17.98
N ARG A 416 32.97 -0.07 -19.09
CA ARG A 416 32.22 -0.49 -20.27
C ARG A 416 32.03 -1.99 -20.22
N HIS A 417 30.91 -2.42 -19.64
CA HIS A 417 30.61 -3.83 -19.52
C HIS A 417 29.90 -4.32 -20.78
N ALA A 418 29.59 -5.62 -20.82
CA ALA A 418 28.92 -6.19 -21.98
C ALA A 418 28.24 -7.48 -21.57
N ILE A 419 27.23 -7.86 -22.36
CA ILE A 419 26.48 -9.09 -22.17
C ILE A 419 26.56 -9.91 -23.45
N ARG A 420 26.95 -11.17 -23.32
CA ARG A 420 27.07 -12.09 -24.45
C ARG A 420 25.90 -13.07 -24.41
N PHE A 421 24.98 -12.93 -25.36
CA PHE A 421 23.91 -13.90 -25.52
C PHE A 421 24.44 -15.07 -26.36
N HIS A 422 24.49 -16.25 -25.75
CA HIS A 422 25.00 -17.43 -26.47
C HIS A 422 24.09 -17.83 -27.63
N LYS A 423 22.80 -17.53 -27.52
CA LYS A 423 21.87 -17.68 -28.64
C LYS A 423 20.99 -16.45 -28.70
N LEU A 424 20.67 -16.03 -29.91
CA LEU A 424 19.88 -14.81 -30.12
C LEU A 424 19.25 -14.89 -31.50
N LEU A 425 18.58 -13.81 -31.90
CA LEU A 425 18.01 -13.68 -33.24
C LEU A 425 18.65 -12.51 -33.96
N LYS A 426 18.82 -12.64 -35.27
CA LYS A 426 19.37 -11.59 -36.10
C LYS A 426 18.48 -11.43 -37.32
N VAL A 427 18.26 -10.18 -37.73
CA VAL A 427 17.37 -9.85 -38.83
C VAL A 427 18.15 -9.05 -39.86
N GLU A 428 18.29 -9.60 -41.07
CA GLU A 428 19.02 -8.97 -42.16
C GLU A 428 18.14 -8.98 -43.40
N ASN A 429 17.70 -7.79 -43.82
CA ASN A 429 16.84 -7.63 -45.00
C ASN A 429 15.55 -8.44 -44.87
N GLY A 430 14.96 -8.44 -43.67
CA GLY A 430 13.62 -8.95 -43.47
C GLY A 430 13.52 -10.39 -43.04
N VAL A 431 14.58 -11.18 -43.15
CA VAL A 431 14.55 -12.59 -42.75
C VAL A 431 15.15 -12.71 -41.35
N ALA A 432 14.46 -13.44 -40.48
CA ALA A 432 14.93 -13.68 -39.12
C ALA A 432 15.75 -14.96 -39.10
N ARG A 433 16.92 -14.88 -38.46
CA ARG A 433 17.89 -15.97 -38.46
C ARG A 433 18.44 -16.13 -37.05
N GLU A 434 18.40 -17.36 -36.53
CA GLU A 434 18.96 -17.63 -35.22
C GLU A 434 20.48 -17.66 -35.32
N VAL A 435 21.14 -17.00 -34.35
CA VAL A 435 22.58 -16.84 -34.36
C VAL A 435 23.14 -17.32 -33.03
N ASP A 436 24.47 -17.40 -32.99
CA ASP A 436 25.21 -17.84 -31.81
C ASP A 436 26.18 -16.77 -31.36
N ASP A 437 26.27 -16.59 -30.04
CA ASP A 437 27.36 -15.84 -29.40
C ASP A 437 27.38 -14.39 -29.88
N VAL A 438 26.38 -13.65 -29.43
CA VAL A 438 26.26 -12.22 -29.72
C VAL A 438 26.66 -11.44 -28.48
N THR A 439 27.69 -10.61 -28.61
CA THR A 439 28.16 -9.77 -27.52
C THR A 439 27.60 -8.36 -27.69
N VAL A 440 26.94 -7.85 -26.65
CA VAL A 440 26.24 -6.58 -26.71
C VAL A 440 26.74 -5.69 -25.57
N PRO A 441 27.31 -4.52 -25.86
CA PRO A 441 27.74 -3.62 -24.78
C PRO A 441 26.57 -3.04 -24.01
N ILE A 442 26.89 -2.51 -22.84
CA ILE A 442 25.91 -1.96 -21.90
C ILE A 442 26.16 -0.48 -21.73
N SER A 443 25.10 0.32 -21.71
CA SER A 443 25.23 1.73 -21.38
C SER A 443 25.78 1.88 -19.97
N MET A 444 26.51 2.97 -19.74
CA MET A 444 27.10 3.22 -18.44
C MET A 444 26.04 3.26 -17.36
N SER A 445 26.29 2.52 -16.28
CA SER A 445 25.36 2.46 -15.16
C SER A 445 26.16 2.55 -13.86
N GLU A 446 25.96 3.62 -13.11
CA GLU A 446 26.55 3.70 -11.78
C GLU A 446 26.03 2.61 -10.86
N GLN A 447 24.87 2.05 -11.17
CA GLN A 447 24.35 0.92 -10.40
C GLN A 447 25.19 -0.33 -10.62
N LEU A 448 25.81 -0.47 -11.80
CA LEU A 448 26.67 -1.61 -12.07
C LEU A 448 27.99 -1.53 -11.31
N ASP A 449 28.38 -0.35 -10.83
CA ASP A 449 29.61 -0.22 -10.05
C ASP A 449 29.55 -0.96 -8.73
N ASN A 450 28.38 -1.43 -8.32
CA ASN A 450 28.23 -2.26 -7.13
C ASN A 450 28.48 -3.74 -7.40
N LEU A 451 28.94 -4.09 -8.61
CA LEU A 451 29.17 -5.48 -8.98
C LEU A 451 30.63 -5.66 -9.37
N LEU A 452 31.32 -6.57 -8.68
CA LEU A 452 32.69 -6.94 -8.97
C LEU A 452 32.79 -8.43 -9.22
N PRO A 453 33.61 -8.87 -10.19
CA PRO A 453 33.78 -10.30 -10.42
C PRO A 453 34.48 -10.97 -9.24
N ARG A 454 34.07 -12.20 -8.95
CA ARG A 454 34.61 -12.96 -7.83
C ARG A 454 35.59 -14.04 -8.28
N ASP A 455 35.18 -14.89 -9.22
CA ASP A 455 35.98 -16.01 -9.69
C ASP A 455 36.09 -15.92 -11.21
N PRO A 456 37.30 -15.90 -11.77
CA PRO A 456 37.43 -15.95 -13.24
C PRO A 456 37.00 -17.28 -13.84
N ASN A 457 37.24 -18.41 -13.17
CA ASN A 457 36.86 -19.70 -13.72
C ASN A 457 35.36 -19.90 -13.73
N GLU A 458 34.65 -19.39 -12.71
CA GLU A 458 33.20 -19.37 -12.70
C GLU A 458 32.71 -17.95 -12.96
N PRO A 459 32.45 -17.57 -14.21
CA PRO A 459 31.99 -16.22 -14.54
C PRO A 459 30.56 -15.91 -14.10
N ILE A 460 29.92 -16.76 -13.29
CA ILE A 460 28.64 -16.43 -12.68
C ILE A 460 28.83 -15.69 -11.36
N ALA A 461 29.92 -15.97 -10.65
CA ALA A 461 30.17 -15.40 -9.34
C ALA A 461 30.47 -13.90 -9.44
N LEU A 462 30.13 -13.19 -8.37
CA LEU A 462 30.34 -11.75 -8.31
C LEU A 462 30.43 -11.33 -6.85
N TYR A 463 30.83 -10.09 -6.63
CA TYR A 463 30.74 -9.43 -5.35
C TYR A 463 29.69 -8.32 -5.42
N PHE A 464 29.10 -8.00 -4.28
CA PHE A 464 28.05 -6.98 -4.19
C PHE A 464 28.47 -5.93 -3.18
N ARG A 465 28.58 -4.69 -3.63
CA ARG A 465 28.92 -3.58 -2.76
C ARG A 465 27.69 -3.05 -2.05
N ASP A 466 27.93 -2.41 -0.90
CA ASP A 466 26.88 -1.71 -0.17
C ASP A 466 27.53 -0.76 0.83
N TYR A 467 26.92 0.42 1.00
CA TYR A 467 27.46 1.39 1.94
C TYR A 467 27.31 0.93 3.38
N GLY A 468 26.36 0.03 3.64
CA GLY A 468 26.11 -0.43 4.99
C GLY A 468 26.70 -1.80 5.27
N ALA A 469 27.75 -2.16 4.53
CA ALA A 469 28.43 -3.43 4.73
C ALA A 469 29.91 -3.22 4.47
N GLU A 470 30.73 -3.41 5.51
CA GLU A 470 32.17 -3.17 5.35
C GLU A 470 32.80 -4.15 4.39
N GLN A 471 32.45 -5.43 4.50
CA GLN A 471 32.87 -6.45 3.55
C GLN A 471 31.79 -6.64 2.50
N HIS A 472 32.22 -6.82 1.25
CA HIS A 472 31.26 -7.02 0.16
C HIS A 472 30.64 -8.41 0.25
N PHE A 473 29.36 -8.49 -0.11
CA PHE A 473 28.66 -9.76 -0.11
C PHE A 473 29.08 -10.60 -1.32
N THR A 474 29.01 -11.91 -1.15
CA THR A 474 29.22 -12.83 -2.26
C THR A 474 27.90 -13.10 -2.95
N GLY A 475 27.93 -13.08 -4.29
CA GLY A 475 26.70 -13.26 -5.05
C GLY A 475 26.92 -13.98 -6.36
N GLU A 476 25.81 -14.35 -6.98
CA GLU A 476 25.80 -15.03 -8.27
C GLU A 476 24.83 -14.34 -9.21
N PHE A 477 25.16 -14.34 -10.49
CA PHE A 477 24.20 -13.93 -11.51
C PHE A 477 23.10 -14.99 -11.63
N GLY A 478 21.91 -14.54 -11.96
CA GLY A 478 20.79 -15.44 -12.13
C GLY A 478 20.15 -15.32 -13.49
N GLY A 479 18.87 -15.63 -13.58
CA GLY A 479 18.16 -15.47 -14.84
C GLY A 479 18.00 -14.00 -15.21
N ALA A 480 17.85 -13.78 -16.51
CA ALA A 480 17.63 -12.44 -17.04
C ALA A 480 16.45 -12.46 -17.98
N LYS A 481 15.88 -11.28 -18.22
CA LYS A 481 14.77 -11.14 -19.15
C LYS A 481 14.97 -9.88 -19.98
N ILE A 482 14.59 -9.95 -21.25
CA ILE A 482 14.74 -8.83 -22.18
C ILE A 482 13.46 -8.02 -22.17
N GLN A 483 13.56 -6.76 -21.76
CA GLN A 483 12.39 -5.90 -21.62
C GLN A 483 12.52 -4.66 -22.51
N CYS A 484 11.36 -4.18 -22.96
CA CYS A 484 11.23 -2.89 -23.62
C CYS A 484 10.31 -2.01 -22.77
N ARG A 485 10.32 -0.71 -23.06
CA ARG A 485 9.42 0.20 -22.37
C ARG A 485 7.98 -0.07 -22.81
N ARG A 486 7.03 0.24 -21.91
CA ARG A 486 5.63 0.03 -22.26
C ARG A 486 5.15 1.04 -23.29
N ASP A 487 5.71 2.24 -23.30
CA ASP A 487 5.24 3.25 -24.24
C ASP A 487 5.84 3.04 -25.63
N GLN A 488 7.08 2.58 -25.70
CA GLN A 488 7.71 2.20 -26.96
C GLN A 488 7.26 0.83 -27.43
N LEU A 489 6.16 0.30 -26.89
CA LEU A 489 5.71 -1.05 -27.19
C LEU A 489 4.50 -1.08 -28.10
N ALA A 490 3.44 -0.34 -27.77
CA ALA A 490 2.28 -0.23 -28.65
C ALA A 490 2.61 0.47 -29.96
N HIS A 491 3.79 1.08 -30.08
CA HIS A 491 4.21 1.77 -31.29
C HIS A 491 4.96 0.81 -32.21
N MET A 492 5.05 1.19 -33.48
CA MET A 492 5.86 0.45 -34.44
C MET A 492 6.81 1.41 -35.14
N HIS A 493 6.24 2.39 -35.83
CA HIS A 493 6.97 3.47 -36.51
C HIS A 493 7.98 2.84 -37.48
N ARG A 494 9.10 3.53 -37.72
CA ARG A 494 10.20 3.02 -38.52
C ARG A 494 11.52 3.54 -37.92
N ARG A 495 11.73 3.23 -36.65
CA ARG A 495 12.90 3.68 -35.93
C ARG A 495 13.57 2.50 -35.23
N ARG A 496 14.85 2.70 -34.90
CA ARG A 496 15.65 1.69 -34.24
C ARG A 496 16.24 2.24 -32.94
N ARG A 499 13.81 2.57 -30.48
CA ARG A 499 13.30 1.60 -29.51
C ARG A 499 14.43 1.09 -28.61
N ASP A 500 14.39 1.46 -27.34
CA ASP A 500 15.42 1.04 -26.39
C ASP A 500 15.10 -0.36 -25.88
N VAL A 501 16.15 -1.16 -25.71
CA VAL A 501 16.02 -2.54 -25.25
C VAL A 501 16.81 -2.71 -23.97
N TYR A 502 16.19 -3.33 -22.96
CA TYR A 502 16.80 -3.52 -21.65
C TYR A 502 16.89 -4.99 -21.32
N LEU A 503 17.94 -5.35 -20.57
CA LEU A 503 18.09 -6.67 -19.99
C LEU A 503 17.96 -6.56 -18.48
N ASN A 504 16.96 -7.24 -17.91
CA ASN A 504 16.70 -7.22 -16.47
C ASN A 504 17.37 -8.45 -15.86
N VAL A 505 18.52 -8.24 -15.23
CA VAL A 505 19.32 -9.33 -14.69
C VAL A 505 18.98 -9.53 -13.23
N SER A 506 18.78 -10.79 -12.83
CA SER A 506 18.51 -11.13 -11.44
C SER A 506 19.81 -11.48 -10.75
N VAL A 507 20.06 -10.83 -9.61
CA VAL A 507 21.29 -11.02 -8.84
C VAL A 507 20.92 -11.65 -7.50
N ARG A 508 21.48 -12.83 -7.24
CA ARG A 508 21.31 -13.51 -5.96
C ARG A 508 22.46 -13.13 -5.05
N VAL A 509 22.16 -12.47 -3.94
CA VAL A 509 23.16 -11.94 -3.02
C VAL A 509 23.06 -12.70 -1.71
N GLN A 510 24.21 -13.13 -1.19
CA GLN A 510 24.28 -13.95 0.01
C GLN A 510 24.64 -13.08 1.20
N SER A 511 23.82 -13.15 2.25
CA SER A 511 24.04 -12.35 3.44
C SER A 511 25.17 -12.94 4.29
N GLN A 512 25.67 -12.12 5.22
CA GLN A 512 26.77 -12.55 6.08
C GLN A 512 26.36 -13.76 6.92
N SER A 513 25.10 -13.80 7.37
CA SER A 513 24.61 -14.98 8.07
C SER A 513 24.52 -16.18 7.13
N GLU A 514 23.94 -15.97 5.94
CA GLU A 514 23.85 -17.06 4.97
C GLU A 514 25.22 -17.57 4.57
N ALA A 515 26.25 -16.71 4.60
CA ALA A 515 27.60 -17.14 4.26
C ALA A 515 28.21 -18.05 5.32
N ARG A 516 27.68 -18.04 6.54
CA ARG A 516 28.19 -18.90 7.60
C ARG A 516 27.44 -20.22 7.71
N GLY A 517 26.57 -20.53 6.75
CA GLY A 517 25.86 -21.79 6.76
C GLY A 517 24.81 -21.93 7.84
N GLU A 518 24.24 -20.83 8.30
CA GLU A 518 23.18 -20.85 9.31
C GLU A 518 21.85 -20.49 8.65
N ARG A 519 20.82 -21.28 8.93
CA ARG A 519 19.49 -20.99 8.39
C ARG A 519 19.04 -19.59 8.80
N ARG A 520 19.16 -19.27 10.08
CA ARG A 520 18.79 -17.97 10.61
C ARG A 520 19.94 -17.42 11.46
N PRO A 521 20.08 -16.10 11.52
CA PRO A 521 21.11 -15.50 12.38
C PRO A 521 20.92 -15.93 13.83
N PRO A 522 21.98 -15.89 14.64
CA PRO A 522 21.87 -16.39 16.02
C PRO A 522 20.88 -15.61 16.87
N TYR A 523 20.72 -14.30 16.62
CA TYR A 523 19.78 -13.49 17.39
C TYR A 523 18.34 -13.68 16.96
N ALA A 524 18.08 -14.46 15.90
CA ALA A 524 16.70 -14.75 15.50
C ALA A 524 15.98 -15.64 16.52
N ALA A 525 16.70 -16.46 17.28
CA ALA A 525 16.11 -17.31 18.30
C ALA A 525 15.67 -16.55 19.54
N VAL A 526 15.91 -15.24 19.61
CA VAL A 526 15.55 -14.43 20.76
C VAL A 526 14.24 -13.71 20.48
N PHE A 527 13.99 -13.39 19.21
CA PHE A 527 12.81 -12.63 18.79
C PHE A 527 11.89 -13.53 17.97
N ARG A 528 10.66 -13.69 18.43
CA ARG A 528 9.66 -14.49 17.75
C ARG A 528 8.81 -13.57 16.86
N LEU A 529 8.94 -13.72 15.55
CA LEU A 529 8.16 -12.96 14.59
C LEU A 529 7.02 -13.85 14.09
N VAL A 530 5.79 -13.40 14.29
CA VAL A 530 4.60 -14.20 14.05
C VAL A 530 3.75 -13.51 12.98
N GLY A 531 3.22 -14.31 12.05
CA GLY A 531 2.26 -13.81 11.08
C GLY A 531 2.89 -13.02 9.95
N ASP A 532 2.03 -12.57 9.04
CA ASP A 532 2.47 -11.74 7.93
C ASP A 532 2.86 -10.33 8.37
N ASN A 533 2.34 -9.86 9.50
CA ASN A 533 2.69 -8.56 10.02
C ASN A 533 3.99 -8.58 10.82
N HIS A 534 4.59 -9.76 11.02
CA HIS A 534 5.84 -9.90 11.78
C HIS A 534 5.69 -9.37 13.20
N ARG A 535 4.55 -9.67 13.83
CA ARG A 535 4.33 -9.27 15.21
C ARG A 535 5.43 -9.83 16.10
N ALA A 536 6.22 -8.94 16.69
CA ALA A 536 7.41 -9.33 17.44
C ALA A 536 7.06 -9.74 18.86
N PHE A 537 7.71 -10.82 19.31
CA PHE A 537 7.64 -11.29 20.69
C PHE A 537 9.03 -11.73 21.11
N VAL A 538 9.39 -11.40 22.35
CA VAL A 538 10.73 -11.66 22.86
C VAL A 538 10.73 -12.96 23.65
N HIS A 539 11.72 -13.80 23.39
CA HIS A 539 11.98 -14.98 24.20
C HIS A 539 12.82 -14.56 25.40
N PHE A 540 12.13 -14.11 26.45
CA PHE A 540 12.84 -13.66 27.66
C PHE A 540 13.65 -14.76 28.30
N ASP A 541 13.28 -16.03 28.09
CA ASP A 541 14.07 -17.15 28.62
C ASP A 541 15.49 -17.13 28.06
N LYS A 542 15.64 -16.83 26.78
CA LYS A 542 16.89 -17.10 26.08
C LYS A 542 17.84 -15.90 26.01
N LEU A 543 17.37 -14.69 26.29
CA LEU A 543 18.24 -13.53 26.16
C LEU A 543 19.22 -13.37 27.32
N SER A 544 19.02 -14.08 28.43
CA SER A 544 20.01 -14.06 29.51
C SER A 544 21.27 -14.82 29.12
N ASP A 545 21.13 -15.86 28.30
CA ASP A 545 22.28 -16.61 27.81
C ASP A 545 22.88 -16.03 26.54
N TYR A 546 22.07 -15.32 25.74
CA TYR A 546 22.58 -14.74 24.50
C TYR A 546 23.61 -13.65 24.78
N LEU A 547 23.32 -12.77 25.75
CA LEU A 547 24.27 -11.75 26.13
C LEU A 547 25.55 -12.38 26.70
N ALA A 548 25.44 -13.56 27.31
CA ALA A 548 26.62 -14.26 27.76
C ALA A 548 27.44 -14.79 26.58
N GLU A 549 26.75 -15.23 25.52
CA GLU A 549 27.42 -15.74 24.34
C GLU A 549 27.78 -14.66 23.33
N HIS A 550 27.16 -13.48 23.42
CA HIS A 550 27.39 -12.40 22.46
C HIS A 550 27.54 -11.08 23.22
N PRO A 551 28.66 -10.88 23.88
CA PRO A 551 28.86 -9.65 24.65
C PRO A 551 29.20 -8.47 23.75
N ASP A 552 28.80 -7.28 24.20
CA ASP A 552 29.10 -6.05 23.48
C ASP A 552 30.60 -5.82 23.48
N ASP A 553 31.20 -5.73 22.29
CA ASP A 553 32.63 -5.50 22.16
C ASP A 553 32.97 -4.23 21.40
N GLY A 554 31.98 -3.44 20.99
CA GLY A 554 32.24 -2.17 20.36
C GLY A 554 32.45 -2.19 18.86
N LYS A 555 32.32 -3.35 18.22
CA LYS A 555 32.47 -3.41 16.77
C LYS A 555 31.28 -2.72 16.10
N LEU A 556 31.57 -1.82 15.17
CA LEU A 556 30.56 -0.96 14.57
C LEU A 556 30.14 -1.50 13.20
N GLY A 557 29.05 -0.94 12.69
CA GLY A 557 28.57 -1.29 11.37
C GLY A 557 28.11 -2.73 11.29
N SER A 558 28.26 -3.31 10.10
CA SER A 558 27.83 -4.70 9.88
C SER A 558 28.67 -5.71 10.65
N GLU A 559 29.79 -5.28 11.25
CA GLU A 559 30.65 -6.19 11.98
C GLU A 559 30.19 -6.44 13.42
N GLY A 560 29.16 -5.76 13.89
CA GLY A 560 28.79 -5.90 15.29
C GLY A 560 27.44 -6.54 15.49
N LEU A 561 26.94 -7.21 14.46
CA LEU A 561 25.63 -7.84 14.55
C LEU A 561 25.64 -9.04 15.49
N LEU A 562 26.79 -9.71 15.66
CA LEU A 562 26.88 -10.86 16.55
C LEU A 562 27.36 -10.48 17.94
N SER A 563 27.46 -9.19 18.24
CA SER A 563 27.91 -8.73 19.56
C SER A 563 26.92 -7.70 20.08
N GLY A 564 26.39 -7.95 21.27
CA GLY A 564 25.36 -7.10 21.84
C GLY A 564 23.98 -7.45 21.31
N LEU A 565 22.98 -6.77 21.88
CA LEU A 565 21.58 -6.97 21.52
C LEU A 565 20.89 -5.62 21.56
N ARG A 566 20.59 -5.06 20.38
CA ARG A 566 20.02 -3.73 20.27
C ARG A 566 18.78 -3.78 19.38
N VAL A 567 17.78 -2.97 19.74
CA VAL A 567 16.53 -2.88 19.00
C VAL A 567 16.26 -1.41 18.72
N MET A 568 15.91 -1.10 17.48
CA MET A 568 15.56 0.26 17.08
C MET A 568 14.08 0.31 16.76
N SER A 569 13.34 1.14 17.49
CA SER A 569 11.93 1.37 17.23
C SER A 569 11.76 2.59 16.31
N VAL A 570 10.81 2.50 15.39
CA VAL A 570 10.60 3.54 14.38
C VAL A 570 9.14 3.97 14.42
N ALA A 571 8.93 5.28 14.50
CA ALA A 571 7.59 5.88 14.49
C ALA A 571 7.43 6.64 13.17
N LEU A 572 6.76 6.02 12.21
CA LEU A 572 6.55 6.67 10.92
C LEU A 572 5.58 7.82 11.04
N GLY A 573 5.74 8.80 10.15
CA GLY A 573 4.89 9.97 10.16
C GLY A 573 4.98 10.73 8.85
N LEU A 574 4.17 11.79 8.76
CA LEU A 574 4.13 12.64 7.59
C LEU A 574 5.05 13.84 7.72
N ARG A 575 5.02 14.51 8.89
CA ARG A 575 5.91 15.64 9.12
C ARG A 575 7.36 15.20 9.13
N THR A 576 7.67 14.21 9.97
CA THR A 576 8.96 13.53 9.96
C THR A 576 8.74 12.09 9.49
N SER A 577 9.47 11.69 8.44
CA SER A 577 9.23 10.37 7.83
C SER A 577 9.47 9.24 8.82
N ALA A 578 10.47 9.37 9.68
CA ALA A 578 10.75 8.35 10.69
C ALA A 578 11.39 8.99 11.92
N SER A 579 11.01 8.50 13.09
CA SER A 579 11.59 8.91 14.37
C SER A 579 12.01 7.66 15.11
N ILE A 580 13.29 7.58 15.48
CA ILE A 580 13.85 6.33 15.99
C ILE A 580 14.37 6.54 17.41
N SER A 581 14.47 5.42 18.13
CA SER A 581 15.11 5.40 19.44
C SER A 581 15.73 4.02 19.63
N VAL A 582 17.02 3.98 19.92
CA VAL A 582 17.77 2.73 20.01
C VAL A 582 17.93 2.36 21.47
N PHE A 583 17.69 1.09 21.79
CA PHE A 583 17.87 0.56 23.12
C PHE A 583 18.82 -0.64 23.09
N ARG A 584 19.47 -0.89 24.23
CA ARG A 584 20.46 -1.95 24.36
C ARG A 584 20.14 -2.79 25.58
N VAL A 585 20.20 -4.11 25.42
CA VAL A 585 20.04 -5.02 26.55
C VAL A 585 21.36 -5.08 27.31
N ALA A 586 21.30 -4.80 28.61
CA ALA A 586 22.49 -4.81 29.44
C ALA A 586 22.11 -5.12 30.87
N ARG A 587 23.09 -5.56 31.65
CA ARG A 587 22.86 -5.81 33.06
C ARG A 587 22.59 -4.49 33.79
N LYS A 588 21.79 -4.57 34.85
CA LYS A 588 21.53 -3.40 35.67
C LYS A 588 22.78 -2.92 36.41
N ASP A 589 23.86 -3.69 36.35
CA ASP A 589 25.16 -3.28 36.91
C ASP A 589 25.83 -2.36 35.89
N GLU A 590 25.35 -1.13 35.83
CA GLU A 590 25.87 -0.13 34.91
C GLU A 590 26.41 1.07 35.65
N LEU A 591 26.52 2.21 34.98
CA LEU A 591 27.07 3.41 35.60
C LEU A 591 26.48 4.62 34.88
N LYS A 592 27.15 5.80 35.05
CA LYS A 592 26.81 7.11 34.53
C LYS A 592 27.46 7.33 33.17
N PRO A 593 26.83 8.18 32.35
CA PRO A 593 27.29 8.36 30.97
C PRO A 593 28.43 9.36 30.89
N ASN A 594 28.90 9.55 29.66
CA ASN A 594 30.10 10.34 29.40
C ASN A 594 29.82 11.85 29.37
N SER A 595 28.57 12.25 29.19
CA SER A 595 28.26 13.66 29.00
C SER A 595 28.27 14.42 30.33
N LYS A 596 27.33 14.11 31.21
CA LYS A 596 27.24 14.81 32.49
C LYS A 596 26.65 13.93 33.56
N GLY A 597 27.08 12.68 33.62
CA GLY A 597 26.72 11.74 34.67
C GLY A 597 25.25 11.70 35.04
N ARG A 598 24.40 11.45 34.07
CA ARG A 598 22.96 11.38 34.28
C ARG A 598 22.52 9.93 34.11
N VAL A 599 21.98 9.34 35.18
CA VAL A 599 21.51 7.96 35.17
C VAL A 599 20.72 7.74 33.88
N PRO A 600 21.17 6.82 33.03
CA PRO A 600 20.55 6.69 31.71
C PRO A 600 19.14 6.15 31.79
N PHE A 601 18.35 6.50 30.79
CA PHE A 601 16.98 6.03 30.70
C PHE A 601 16.97 4.55 30.35
N PHE A 602 16.21 3.76 31.11
CA PHE A 602 16.15 2.33 30.87
C PHE A 602 14.74 1.83 31.14
N PHE A 603 14.45 0.63 30.61
CA PHE A 603 13.19 -0.05 30.79
C PHE A 603 13.41 -1.41 31.45
N PRO A 604 12.54 -1.81 32.37
CA PRO A 604 12.65 -3.17 32.92
C PRO A 604 12.26 -4.22 31.89
N ILE A 605 12.99 -5.34 31.90
CA ILE A 605 12.73 -6.45 31.01
C ILE A 605 12.01 -7.54 31.78
N LYS A 606 10.90 -8.02 31.21
CA LYS A 606 10.13 -9.09 31.84
C LYS A 606 11.00 -10.34 31.99
N GLY A 607 10.83 -11.03 33.11
CA GLY A 607 11.57 -12.26 33.35
C GLY A 607 12.89 -12.03 34.05
N ASN A 608 13.86 -11.47 33.33
CA ASN A 608 15.19 -11.25 33.87
C ASN A 608 15.22 -9.98 34.70
N ASP A 609 15.56 -10.12 35.98
CA ASP A 609 15.68 -8.97 36.87
C ASP A 609 17.08 -8.36 36.85
N ASN A 610 18.06 -9.07 36.31
CA ASN A 610 19.40 -8.51 36.20
C ASN A 610 19.59 -7.68 34.94
N LEU A 611 18.71 -7.83 33.96
CA LEU A 611 18.86 -7.18 32.66
C LEU A 611 17.80 -6.11 32.46
N VAL A 612 18.22 -4.99 31.87
CA VAL A 612 17.34 -3.89 31.52
C VAL A 612 17.60 -3.49 30.07
N ALA A 613 16.77 -2.58 29.56
CA ALA A 613 16.89 -2.07 28.20
C ALA A 613 17.29 -0.60 28.30
N VAL A 614 18.57 -0.33 28.10
CA VAL A 614 19.13 1.00 28.26
C VAL A 614 18.97 1.78 26.96
N HIS A 615 18.44 3.00 27.06
CA HIS A 615 18.30 3.86 25.89
C HIS A 615 19.67 4.38 25.45
N GLU A 616 19.98 4.21 24.16
CA GLU A 616 21.26 4.65 23.62
C GLU A 616 21.17 6.02 22.95
N ARG A 617 20.27 6.17 21.98
CA ARG A 617 20.13 7.42 21.27
C ARG A 617 18.72 7.50 20.68
N SER A 618 18.28 8.72 20.44
CA SER A 618 17.04 8.99 19.74
C SER A 618 17.31 10.01 18.63
N GLN A 619 16.63 9.84 17.50
CA GLN A 619 16.91 10.66 16.34
C GLN A 619 15.65 10.80 15.49
N LEU A 620 15.53 11.96 14.84
CA LEU A 620 14.49 12.20 13.84
C LEU A 620 15.12 11.95 12.47
N LEU A 621 14.72 10.86 11.82
CA LEU A 621 15.25 10.51 10.51
C LEU A 621 14.48 11.29 9.44
N LYS A 622 14.75 12.59 9.40
CA LYS A 622 14.11 13.47 8.45
C LYS A 622 14.67 13.24 7.05
N LEU A 623 13.81 12.91 6.10
CA LEU A 623 14.20 12.97 4.71
C LEU A 623 14.36 14.43 4.29
N PRO A 624 15.17 14.70 3.27
CA PRO A 624 15.39 16.09 2.86
C PRO A 624 14.09 16.79 2.51
N GLY A 625 13.95 18.02 2.98
CA GLY A 625 12.77 18.82 2.75
C GLY A 625 11.81 18.90 3.92
N GLU A 626 12.00 18.07 4.94
CA GLU A 626 11.15 18.08 6.13
C GLU A 626 11.68 19.01 7.22
N THR A 627 12.47 20.01 6.84
CA THR A 627 12.91 21.05 7.76
C THR A 627 12.02 22.28 7.57
N GLU A 628 12.35 23.37 8.26
CA GLU A 628 11.54 24.58 8.20
C GLU A 628 12.35 25.76 8.70
N SER A 629 12.22 26.89 8.01
CA SER A 629 12.85 28.13 8.41
C SER A 629 12.05 29.29 7.85
N LYS A 630 12.51 30.51 8.16
CA LYS A 630 11.82 31.71 7.71
C LYS A 630 11.84 31.81 6.19
N ASP A 631 13.01 31.60 5.58
CA ASP A 631 13.11 31.69 4.13
C ASP A 631 12.47 30.50 3.45
N LEU A 632 12.56 29.31 4.07
CA LEU A 632 11.90 28.14 3.51
C LEU A 632 10.40 28.31 3.53
N ARG A 633 9.86 28.88 4.60
CA ARG A 633 8.42 29.13 4.66
C ARG A 633 7.98 30.12 3.60
N ALA A 634 8.84 31.09 3.26
CA ALA A 634 8.48 32.07 2.24
C ALA A 634 8.48 31.44 0.85
N ILE A 635 9.50 30.66 0.54
CA ILE A 635 9.60 30.06 -0.79
C ILE A 635 8.44 29.09 -1.03
N ARG A 636 8.06 28.34 0.01
CA ARG A 636 6.96 27.40 -0.14
C ARG A 636 5.62 28.12 -0.31
N GLU A 637 5.48 29.33 0.22
CA GLU A 637 4.28 30.12 -0.03
C GLU A 637 4.32 30.73 -1.43
N GLU A 638 5.49 31.15 -1.88
CA GLU A 638 5.60 31.74 -3.21
C GLU A 638 5.47 30.67 -4.30
N ARG A 639 5.94 29.45 -4.04
CA ARG A 639 5.86 28.39 -5.05
C ARG A 639 4.42 28.01 -5.37
N GLN A 640 3.48 28.28 -4.46
CA GLN A 640 2.07 27.99 -4.67
C GLN A 640 1.23 29.26 -4.73
N ARG A 641 1.84 30.40 -5.06
CA ARG A 641 1.11 31.66 -5.06
C ARG A 641 0.15 31.73 -6.24
N THR A 642 0.69 31.68 -7.47
CA THR A 642 -0.15 31.73 -8.67
C THR A 642 -1.11 30.55 -8.77
N LEU A 643 -0.77 29.40 -8.17
CA LEU A 643 -1.68 28.26 -8.19
C LEU A 643 -2.92 28.52 -7.35
N ARG A 644 -2.74 28.95 -6.11
CA ARG A 644 -3.89 29.24 -5.25
C ARG A 644 -4.70 30.41 -5.78
N GLN A 645 -4.09 31.27 -6.59
CA GLN A 645 -4.84 32.34 -7.24
C GLN A 645 -5.79 31.77 -8.28
N LEU A 646 -5.26 30.99 -9.22
CA LEU A 646 -6.09 30.42 -10.28
C LEU A 646 -7.16 29.49 -9.72
N ARG A 647 -6.88 28.84 -8.59
CA ARG A 647 -7.87 27.94 -8.00
C ARG A 647 -9.10 28.69 -7.52
N THR A 648 -8.90 29.87 -6.93
CA THR A 648 -10.05 30.65 -6.47
C THR A 648 -10.73 31.39 -7.60
N GLN A 649 -10.00 31.68 -8.68
CA GLN A 649 -10.61 32.33 -9.84
C GLN A 649 -11.58 31.39 -10.54
N LEU A 650 -11.19 30.12 -10.70
CA LEU A 650 -12.07 29.17 -11.34
C LEU A 650 -13.34 28.94 -10.52
N ALA A 651 -13.24 29.01 -9.19
CA ALA A 651 -14.42 28.81 -8.35
C ALA A 651 -15.46 29.90 -8.55
N TYR A 652 -15.02 31.13 -8.85
CA TYR A 652 -15.96 32.20 -9.14
C TYR A 652 -16.44 32.18 -10.57
N LEU A 653 -15.66 31.60 -11.48
CA LEU A 653 -16.14 31.41 -12.85
C LEU A 653 -17.36 30.51 -12.87
N ARG A 654 -17.37 29.46 -12.04
CA ARG A 654 -18.52 28.56 -11.99
C ARG A 654 -19.74 29.25 -11.41
N LEU A 655 -19.56 30.11 -10.40
CA LEU A 655 -20.67 30.90 -9.89
C LEU A 655 -21.25 31.81 -10.97
N LEU A 656 -20.41 32.26 -11.90
CA LEU A 656 -20.91 33.06 -13.01
C LEU A 656 -21.66 32.21 -14.03
N VAL A 657 -21.18 30.98 -14.25
CA VAL A 657 -21.84 30.08 -15.20
C VAL A 657 -23.23 29.72 -14.72
N ARG A 658 -23.40 29.54 -13.40
CA ARG A 658 -24.70 29.17 -12.88
C ARG A 658 -25.73 30.27 -13.12
N CYS A 659 -25.29 31.51 -13.28
CA CYS A 659 -26.21 32.60 -13.56
C CYS A 659 -26.83 32.49 -14.94
N GLY A 660 -26.26 31.66 -15.82
CA GLY A 660 -26.83 31.44 -17.13
C GLY A 660 -27.67 30.18 -17.18
N SER A 661 -28.11 29.71 -16.02
CA SER A 661 -28.94 28.52 -15.96
C SER A 661 -30.30 28.76 -16.60
N GLU A 662 -30.95 27.67 -17.01
CA GLU A 662 -32.33 27.72 -17.47
C GLU A 662 -33.32 27.56 -16.34
N ASP A 663 -32.84 27.52 -15.10
CA ASP A 663 -33.68 27.30 -13.92
C ASP A 663 -33.79 28.61 -13.15
N VAL A 664 -34.97 29.25 -13.24
CA VAL A 664 -35.25 30.37 -12.35
C VAL A 664 -35.28 29.87 -10.92
N GLY A 665 -34.59 30.58 -10.03
CA GLY A 665 -34.36 30.09 -8.69
C GLY A 665 -33.00 29.46 -8.49
N ARG A 666 -32.32 29.10 -9.56
CA ARG A 666 -30.90 28.76 -9.54
C ARG A 666 -30.03 29.94 -9.95
N ARG A 667 -30.29 30.49 -11.13
CA ARG A 667 -29.54 31.68 -11.55
C ARG A 667 -29.81 32.86 -10.63
N GLU A 668 -31.05 32.97 -10.12
CA GLU A 668 -31.36 34.05 -9.19
C GLU A 668 -30.60 33.87 -7.88
N ARG A 669 -30.60 32.66 -7.34
CA ARG A 669 -29.81 32.40 -6.14
C ARG A 669 -28.31 32.48 -6.42
N SER A 670 -27.89 32.13 -7.63
CA SER A 670 -26.47 32.24 -7.99
C SER A 670 -26.08 33.69 -8.25
N TRP A 671 -26.94 34.44 -8.95
CA TRP A 671 -26.68 35.85 -9.19
C TRP A 671 -26.67 36.64 -7.88
N ALA A 672 -27.40 36.18 -6.87
CA ALA A 672 -27.38 36.84 -5.57
C ALA A 672 -26.01 36.74 -4.93
N LYS A 673 -25.41 35.55 -4.97
CA LYS A 673 -24.11 35.35 -4.33
C LYS A 673 -23.01 36.18 -4.98
N LEU A 674 -23.22 36.66 -6.21
CA LEU A 674 -22.18 37.42 -6.90
C LEU A 674 -22.25 38.92 -6.60
N ILE A 675 -23.46 39.48 -6.51
CA ILE A 675 -23.60 40.92 -6.30
C ILE A 675 -23.79 41.29 -4.84
N GLU A 676 -24.10 40.33 -3.97
CA GLU A 676 -24.33 40.66 -2.56
C GLU A 676 -23.06 41.08 -1.87
N GLN A 677 -21.93 40.46 -2.21
CA GLN A 677 -20.67 40.65 -1.53
C GLN A 677 -19.63 41.24 -2.47
N PRO A 678 -18.61 41.90 -1.92
CA PRO A 678 -17.43 42.25 -2.74
C PRO A 678 -16.78 41.00 -3.31
N VAL A 679 -16.05 41.19 -4.40
CA VAL A 679 -15.57 40.06 -5.19
C VAL A 679 -14.49 39.30 -4.44
N ASP A 680 -13.48 40.01 -3.93
CA ASP A 680 -12.31 39.36 -3.36
C ASP A 680 -11.82 40.19 -2.17
N ALA A 681 -12.54 40.11 -1.05
CA ALA A 681 -12.11 40.77 0.16
C ALA A 681 -10.84 40.15 0.74
N ALA A 682 -10.54 38.90 0.39
CA ALA A 682 -9.34 38.22 0.85
C ALA A 682 -8.15 38.43 -0.06
N ASN A 683 -8.37 39.00 -1.26
CA ASN A 683 -7.30 39.26 -2.23
C ASN A 683 -6.59 37.97 -2.63
N HIS A 684 -7.38 36.93 -2.92
CA HIS A 684 -6.82 35.66 -3.35
C HIS A 684 -6.65 35.56 -4.86
N MET A 685 -7.36 36.39 -5.62
CA MET A 685 -7.25 36.38 -7.07
C MET A 685 -6.12 37.29 -7.54
N THR A 686 -5.81 37.19 -8.83
CA THR A 686 -4.88 38.10 -9.46
C THR A 686 -5.56 39.45 -9.71
N PRO A 687 -4.77 40.53 -9.83
CA PRO A 687 -5.39 41.85 -10.01
C PRO A 687 -6.14 42.03 -11.32
N ASP A 688 -5.51 41.67 -12.44
CA ASP A 688 -6.06 42.02 -13.75
C ASP A 688 -7.29 41.18 -14.09
N TRP A 689 -7.26 39.88 -13.78
CA TRP A 689 -8.43 39.05 -14.05
C TRP A 689 -9.61 39.43 -13.17
N ARG A 690 -9.35 39.86 -11.93
CA ARG A 690 -10.43 40.30 -11.07
C ARG A 690 -11.01 41.62 -11.54
N GLU A 691 -10.18 42.49 -12.13
CA GLU A 691 -10.71 43.71 -12.73
C GLU A 691 -11.57 43.40 -13.94
N ALA A 692 -11.23 42.37 -14.71
CA ALA A 692 -12.08 41.95 -15.82
C ALA A 692 -13.36 41.31 -15.31
N PHE A 693 -13.26 40.52 -14.24
CA PHE A 693 -14.46 39.90 -13.66
C PHE A 693 -15.40 40.94 -13.07
N GLU A 694 -14.85 42.05 -12.56
CA GLU A 694 -15.70 43.10 -12.02
C GLU A 694 -16.37 43.90 -13.13
N ASN A 695 -15.69 44.05 -14.28
CA ASN A 695 -16.30 44.75 -15.41
C ASN A 695 -17.53 44.00 -15.91
N GLU A 696 -17.49 42.67 -15.91
CA GLU A 696 -18.61 41.89 -16.40
C GLU A 696 -19.78 41.91 -15.43
N LEU A 697 -19.49 41.86 -14.12
CA LEU A 697 -20.55 41.89 -13.12
C LEU A 697 -21.34 43.20 -13.20
N GLN A 698 -20.64 44.33 -13.16
CA GLN A 698 -21.31 45.62 -13.27
C GLN A 698 -22.00 45.81 -14.60
N LYS A 699 -21.55 45.09 -15.65
CA LYS A 699 -22.25 45.13 -16.93
C LYS A 699 -23.57 44.35 -16.84
N LEU A 700 -23.55 43.18 -16.20
CA LEU A 700 -24.77 42.41 -16.04
C LEU A 700 -25.71 43.02 -15.01
N LYS A 701 -25.18 43.83 -14.08
CA LYS A 701 -26.06 44.51 -13.13
C LYS A 701 -26.94 45.54 -13.82
N SER A 702 -26.40 46.20 -14.84
CA SER A 702 -27.16 47.14 -15.65
C SER A 702 -28.07 46.44 -16.66
N LEU A 703 -28.11 45.10 -16.64
CA LEU A 703 -29.00 44.32 -17.50
C LEU A 703 -29.93 43.39 -16.72
N HIS A 704 -29.58 43.04 -15.48
CA HIS A 704 -30.43 42.18 -14.67
C HIS A 704 -31.77 42.86 -14.37
N GLY A 705 -32.86 42.15 -14.65
CA GLY A 705 -34.23 42.66 -14.62
C GLY A 705 -34.66 43.55 -15.78
N ILE A 706 -33.72 44.32 -16.32
CA ILE A 706 -34.03 45.19 -17.45
C ILE A 706 -34.29 44.35 -18.70
N CYS A 707 -33.57 43.24 -18.87
CA CYS A 707 -33.56 42.52 -20.12
C CYS A 707 -34.38 41.23 -20.01
N SER A 708 -34.41 40.48 -21.11
CA SER A 708 -35.17 39.24 -21.20
C SER A 708 -34.25 38.04 -20.94
N ASP A 709 -34.87 36.88 -20.71
CA ASP A 709 -34.12 35.69 -20.32
C ASP A 709 -33.17 35.24 -21.42
N LYS A 710 -33.69 35.02 -22.63
CA LYS A 710 -32.85 34.57 -23.74
C LYS A 710 -31.92 35.66 -24.26
N GLU A 711 -32.02 36.87 -23.72
CA GLU A 711 -31.07 37.93 -24.01
C GLU A 711 -30.12 38.21 -22.85
N TRP A 712 -30.55 37.94 -21.61
CA TRP A 712 -29.65 38.00 -20.46
C TRP A 712 -28.76 36.77 -20.39
N MET A 713 -29.34 35.59 -20.64
CA MET A 713 -28.54 34.36 -20.63
C MET A 713 -27.48 34.40 -21.73
N ASP A 714 -27.81 35.01 -22.86
CA ASP A 714 -26.84 35.11 -23.95
C ASP A 714 -25.66 35.99 -23.56
N ALA A 715 -25.90 37.03 -22.75
CA ALA A 715 -24.81 37.91 -22.33
C ALA A 715 -23.95 37.26 -21.24
N VAL A 716 -24.56 36.47 -20.36
CA VAL A 716 -23.80 35.81 -19.32
C VAL A 716 -22.81 34.82 -19.93
N TYR A 717 -23.24 34.08 -20.96
CA TYR A 717 -22.34 33.13 -21.61
C TYR A 717 -21.23 33.85 -22.37
N GLU A 718 -21.55 34.96 -23.02
CA GLU A 718 -20.51 35.74 -23.70
C GLU A 718 -19.51 36.32 -22.71
N SER A 719 -19.98 36.73 -21.53
CA SER A 719 -19.06 37.24 -20.51
C SER A 719 -18.19 36.11 -19.96
N VAL A 720 -18.70 34.88 -19.93
CA VAL A 720 -17.89 33.76 -19.47
C VAL A 720 -16.73 33.52 -20.43
N ARG A 721 -16.97 33.70 -21.73
CA ARG A 721 -15.92 33.46 -22.71
C ARG A 721 -14.73 34.40 -22.51
N ARG A 722 -15.00 35.70 -22.36
CA ARG A 722 -13.92 36.67 -22.15
C ARG A 722 -13.10 36.31 -20.93
N VAL A 723 -13.77 36.07 -19.80
CA VAL A 723 -13.07 35.75 -18.56
C VAL A 723 -12.40 34.38 -18.66
N TRP A 724 -12.99 33.45 -19.41
CA TRP A 724 -12.35 32.16 -19.60
C TRP A 724 -11.18 32.27 -20.57
N ARG A 725 -11.36 33.01 -21.67
CA ARG A 725 -10.25 33.27 -22.58
C ARG A 725 -9.14 34.04 -21.89
N HIS A 726 -9.50 34.94 -20.97
CA HIS A 726 -8.52 35.70 -20.21
C HIS A 726 -7.74 34.80 -19.27
N MET A 727 -8.45 34.07 -18.39
CA MET A 727 -7.78 33.16 -17.49
C MET A 727 -7.06 32.04 -18.23
N GLY A 728 -7.46 31.77 -19.47
CA GLY A 728 -6.76 30.76 -20.26
C GLY A 728 -5.32 31.14 -20.53
N LYS A 729 -5.08 32.40 -20.91
CA LYS A 729 -3.72 32.86 -21.09
C LYS A 729 -2.93 32.83 -19.79
N GLN A 730 -3.60 33.01 -18.65
CA GLN A 730 -2.92 32.93 -17.37
C GLN A 730 -2.44 31.51 -17.08
N VAL A 731 -3.31 30.52 -17.29
CA VAL A 731 -2.92 29.12 -17.11
C VAL A 731 -1.79 28.75 -18.06
N ARG A 732 -1.78 29.33 -19.26
CA ARG A 732 -0.72 29.03 -20.23
C ARG A 732 0.64 29.49 -19.72
N ASP A 733 0.71 30.74 -19.25
CA ASP A 733 1.99 31.25 -18.77
C ASP A 733 2.45 30.55 -17.49
N TRP A 734 1.49 30.13 -16.65
CA TRP A 734 1.86 29.43 -15.43
C TRP A 734 2.55 28.10 -15.74
N ARG A 735 1.98 27.33 -16.67
CA ARG A 735 2.61 26.07 -17.05
C ARG A 735 3.95 26.32 -17.73
N LYS A 736 4.05 27.38 -18.54
CA LYS A 736 5.33 27.71 -19.18
C LYS A 736 6.43 27.89 -18.15
N ASP A 737 6.14 28.61 -17.06
CA ASP A 737 7.11 28.80 -16.00
C ASP A 737 7.31 27.54 -15.16
N VAL A 738 6.42 26.55 -15.26
CA VAL A 738 6.60 25.33 -14.49
C VAL A 738 7.60 24.40 -15.18
N ARG A 739 7.39 24.13 -16.47
CA ARG A 739 8.30 23.24 -17.19
C ARG A 739 9.63 23.93 -17.49
N SER A 740 9.58 24.96 -18.33
CA SER A 740 10.77 25.64 -18.80
C SER A 740 11.36 26.61 -17.77
N GLY A 741 10.61 26.97 -16.73
CA GLY A 741 11.04 27.96 -15.77
C GLY A 741 12.42 27.72 -15.18
N GLU A 742 13.12 28.81 -14.87
CA GLU A 742 14.50 28.75 -14.37
C GLU A 742 14.46 29.00 -12.86
N ARG A 743 14.26 27.92 -12.10
CA ARG A 743 14.27 28.05 -10.65
C ARG A 743 15.61 27.56 -10.10
N PRO A 744 16.01 28.03 -8.92
CA PRO A 744 17.29 27.61 -8.33
C PRO A 744 17.32 26.12 -8.06
N LYS A 745 18.39 25.47 -8.49
CA LYS A 745 18.57 24.03 -8.35
C LYS A 745 19.82 23.75 -7.53
N ILE A 746 19.71 22.83 -6.58
CA ILE A 746 20.80 22.55 -5.65
C ILE A 746 21.95 21.88 -6.39
N ARG A 747 23.16 22.21 -5.98
CA ARG A 747 24.36 21.55 -6.48
C ARG A 747 25.06 20.85 -5.32
N GLY A 748 25.40 19.59 -5.52
CA GLY A 748 26.03 18.88 -4.43
C GLY A 748 24.99 18.47 -3.39
N TYR A 749 25.48 18.17 -2.20
CA TYR A 749 24.62 17.88 -1.06
C TYR A 749 24.32 19.17 -0.30
N ALA A 750 23.06 19.30 0.15
CA ALA A 750 22.67 20.46 0.94
C ALA A 750 21.44 20.11 1.76
N LYS A 751 21.43 20.54 3.01
CA LYS A 751 20.27 20.42 3.88
C LYS A 751 19.36 21.62 3.73
N ASP A 752 18.17 21.53 4.31
CA ASP A 752 17.16 22.59 4.28
C ASP A 752 16.83 22.97 2.83
N VAL A 753 16.24 22.01 2.15
CA VAL A 753 15.80 22.20 0.78
C VAL A 753 14.32 22.56 0.79
N VAL A 754 13.81 23.03 -0.35
CA VAL A 754 12.43 23.49 -0.41
C VAL A 754 11.47 22.32 -0.25
N GLY A 755 11.59 21.31 -1.11
CA GLY A 755 10.69 20.17 -1.04
C GLY A 755 11.37 18.85 -0.73
N GLY A 756 12.32 18.47 -1.58
CA GLY A 756 13.05 17.23 -1.35
C GLY A 756 12.15 16.02 -1.50
N ASN A 757 12.24 15.11 -0.53
CA ASN A 757 11.43 13.90 -0.52
C ASN A 757 10.29 13.97 0.50
N SER A 758 9.76 15.17 0.74
CA SER A 758 8.71 15.36 1.74
C SER A 758 7.34 15.07 1.17
N ILE A 759 6.37 14.92 2.06
CA ILE A 759 4.98 14.75 1.63
C ILE A 759 4.48 16.03 0.98
N GLU A 760 4.95 17.19 1.44
CA GLU A 760 4.44 18.45 0.93
C GLU A 760 4.80 18.64 -0.54
N GLN A 761 6.04 18.28 -0.92
CA GLN A 761 6.45 18.46 -2.30
C GLN A 761 5.71 17.53 -3.24
N ILE A 762 5.38 16.33 -2.79
CA ILE A 762 4.58 15.44 -3.62
C ILE A 762 3.16 15.98 -3.75
N GLU A 763 2.62 16.54 -2.66
CA GLU A 763 1.30 17.14 -2.74
C GLU A 763 1.33 18.45 -3.52
N TYR A 764 2.46 19.16 -3.50
CA TYR A 764 2.64 20.30 -4.39
C TYR A 764 2.52 19.87 -5.84
N LEU A 765 3.04 18.68 -6.18
CA LEU A 765 2.82 18.11 -7.49
C LEU A 765 1.37 17.65 -7.65
N GLU A 766 0.83 17.00 -6.62
CA GLU A 766 -0.56 16.56 -6.68
C GLU A 766 -1.52 17.74 -6.83
N ARG A 767 -1.19 18.88 -6.22
CA ARG A 767 -2.06 20.04 -6.31
C ARG A 767 -2.12 20.56 -7.74
N GLN A 768 -1.01 20.49 -8.47
CA GLN A 768 -1.00 20.95 -9.86
C GLN A 768 -1.87 20.05 -10.73
N TYR A 769 -1.79 18.73 -10.53
CA TYR A 769 -2.60 17.81 -11.31
C TYR A 769 -4.09 18.00 -11.02
N LYS A 770 -4.44 18.23 -9.75
CA LYS A 770 -5.84 18.39 -9.38
C LYS A 770 -6.45 19.63 -10.02
N PHE A 771 -5.68 20.71 -10.13
CA PHE A 771 -6.20 21.93 -10.73
C PHE A 771 -6.33 21.78 -12.24
N LEU A 772 -5.28 21.27 -12.90
CA LEU A 772 -5.32 21.06 -14.34
C LEU A 772 -6.49 20.18 -14.74
N LYS A 773 -6.77 19.15 -13.93
CA LYS A 773 -7.96 18.32 -14.16
C LYS A 773 -9.23 19.15 -14.01
N SER A 774 -9.26 20.06 -13.04
CA SER A 774 -10.42 20.91 -12.83
C SER A 774 -10.51 22.04 -13.85
N TRP A 775 -9.39 22.39 -14.49
CA TRP A 775 -9.41 23.44 -15.49
C TRP A 775 -9.82 22.90 -16.85
N SER A 776 -9.41 21.68 -17.21
CA SER A 776 -9.77 21.13 -18.50
C SER A 776 -11.22 20.68 -18.53
N PHE A 777 -11.70 20.14 -17.41
CA PHE A 777 -13.07 19.65 -17.31
C PHE A 777 -14.04 20.72 -16.81
N PHE A 778 -13.62 21.98 -16.84
CA PHE A 778 -14.51 23.09 -16.49
C PHE A 778 -15.56 23.25 -17.59
N GLY A 779 -16.82 23.38 -17.18
CA GLY A 779 -17.93 23.49 -18.12
C GLY A 779 -18.46 24.92 -18.17
N LYS A 780 -18.60 25.42 -19.41
CA LYS A 780 -19.16 26.75 -19.61
C LYS A 780 -20.69 26.76 -19.55
N VAL A 781 -21.32 25.59 -19.66
CA VAL A 781 -22.77 25.47 -19.60
C VAL A 781 -23.15 24.94 -18.22
N SER A 782 -24.02 25.67 -17.53
CA SER A 782 -24.38 25.30 -16.17
C SER A 782 -25.21 24.02 -16.16
N GLY A 783 -24.82 23.07 -15.32
CA GLY A 783 -25.57 21.85 -15.13
C GLY A 783 -24.98 20.63 -15.83
N GLN A 784 -24.10 20.83 -16.79
CA GLN A 784 -23.57 19.72 -17.57
C GLN A 784 -22.42 19.03 -16.83
N VAL A 785 -22.34 17.71 -16.99
CA VAL A 785 -21.30 16.90 -16.39
C VAL A 785 -20.25 16.63 -17.46
N ILE A 786 -18.98 16.84 -17.11
CA ILE A 786 -17.87 16.63 -18.04
C ILE A 786 -16.87 15.68 -17.37
N ARG A 787 -16.81 14.45 -17.88
CA ARG A 787 -15.87 13.44 -17.42
C ARG A 787 -14.85 13.13 -18.51
N ALA A 788 -13.83 12.36 -18.13
CA ALA A 788 -12.83 11.95 -19.10
C ALA A 788 -13.37 10.84 -19.98
N GLU A 789 -12.82 10.75 -21.19
CA GLU A 789 -13.32 9.80 -22.17
C GLU A 789 -12.80 8.40 -21.88
N LYS A 790 -13.44 7.42 -22.52
CA LYS A 790 -13.29 6.01 -22.17
C LYS A 790 -11.90 5.44 -22.37
N GLY A 791 -10.95 6.24 -22.88
CA GLY A 791 -9.61 5.76 -23.07
C GLY A 791 -8.56 6.85 -23.05
N SER A 792 -8.86 7.95 -22.37
CA SER A 792 -7.97 9.10 -22.39
C SER A 792 -6.95 9.03 -21.27
N ARG A 793 -5.84 9.74 -21.47
CA ARG A 793 -4.84 9.97 -20.45
C ARG A 793 -4.69 11.48 -20.22
N PHE A 794 -4.39 11.87 -18.99
CA PHE A 794 -4.31 13.28 -18.62
C PHE A 794 -3.00 13.56 -17.90
N ALA A 795 -2.29 14.58 -18.37
CA ALA A 795 -1.03 15.02 -17.77
C ALA A 795 -0.07 13.85 -17.58
N ILE A 796 0.27 13.20 -18.70
CA ILE A 796 1.06 11.97 -18.66
C ILE A 796 2.43 12.26 -18.06
N THR A 797 3.07 13.34 -18.49
CA THR A 797 4.41 13.64 -18.01
C THR A 797 4.40 14.05 -16.54
N LEU A 798 3.38 14.81 -16.12
CA LEU A 798 3.27 15.20 -14.73
C LEU A 798 2.98 14.00 -13.83
N ARG A 799 2.08 13.13 -14.26
CA ARG A 799 1.71 11.97 -13.45
C ARG A 799 2.90 11.05 -13.23
N GLU A 800 3.68 10.78 -14.28
CA GLU A 800 4.85 9.91 -14.13
C GLU A 800 5.88 10.53 -13.20
N HIS A 801 5.97 11.85 -13.16
CA HIS A 801 6.89 12.49 -12.21
C HIS A 801 6.39 12.34 -10.79
N ILE A 802 5.06 12.44 -10.58
CA ILE A 802 4.49 12.27 -9.25
C ILE A 802 4.76 10.86 -8.73
N ASP A 803 4.52 9.86 -9.57
CA ASP A 803 4.79 8.48 -9.17
C ASP A 803 6.28 8.25 -8.92
N HIS A 804 7.14 8.79 -9.79
CA HIS A 804 8.58 8.67 -9.57
C HIS A 804 9.00 9.41 -8.31
N ALA A 805 8.28 10.48 -7.94
CA ALA A 805 8.60 11.18 -6.71
C ALA A 805 8.28 10.34 -5.48
N LYS A 806 7.12 9.68 -5.48
CA LYS A 806 6.77 8.81 -4.36
C LYS A 806 7.69 7.58 -4.32
N GLU A 807 8.02 7.03 -5.49
CA GLU A 807 8.89 5.86 -5.53
C GLU A 807 10.28 6.19 -4.97
N ASP A 808 10.78 7.40 -5.25
CA ASP A 808 12.09 7.78 -4.73
C ASP A 808 12.03 8.07 -3.24
N ARG A 809 10.93 8.66 -2.77
CA ARG A 809 10.75 8.89 -1.35
C ARG A 809 10.70 7.57 -0.58
N LEU A 810 9.99 6.59 -1.14
CA LEU A 810 9.81 5.32 -0.43
C LEU A 810 11.13 4.59 -0.26
N LYS A 811 11.95 4.54 -1.31
CA LYS A 811 13.20 3.80 -1.24
C LYS A 811 14.23 4.51 -0.36
N LYS A 812 14.26 5.84 -0.41
CA LYS A 812 15.19 6.58 0.45
C LYS A 812 14.78 6.53 1.90
N LEU A 813 13.48 6.41 2.17
CA LEU A 813 13.01 6.24 3.54
C LEU A 813 13.52 4.92 4.13
N ALA A 814 13.29 3.82 3.41
CA ALA A 814 13.68 2.51 3.92
C ALA A 814 15.18 2.41 4.11
N ASP A 815 15.96 2.94 3.16
CA ASP A 815 17.41 2.89 3.29
C ASP A 815 17.88 3.73 4.47
N ARG A 816 17.27 4.91 4.67
CA ARG A 816 17.62 5.73 5.83
C ARG A 816 17.35 5.00 7.14
N ILE A 817 16.20 4.33 7.23
CA ILE A 817 15.88 3.55 8.42
C ILE A 817 16.87 2.40 8.57
N ILE A 818 17.29 1.80 7.47
CA ILE A 818 18.19 0.66 7.54
C ILE A 818 19.62 1.09 7.81
N MET A 819 20.08 2.15 7.15
CA MET A 819 21.44 2.63 7.42
C MET A 819 21.59 3.10 8.86
N GLU A 820 20.49 3.53 9.48
CA GLU A 820 20.55 3.96 10.88
C GLU A 820 20.53 2.76 11.83
N ALA A 821 19.76 1.73 11.51
CA ALA A 821 19.74 0.54 12.36
C ALA A 821 21.10 -0.14 12.39
N LEU A 822 21.77 -0.19 11.24
CA LEU A 822 23.10 -0.80 11.16
C LEU A 822 24.18 0.05 11.82
N GLY A 823 23.88 1.29 12.16
CA GLY A 823 24.84 2.16 12.82
C GLY A 823 25.63 3.07 11.92
N TYR A 824 25.17 3.32 10.69
CA TYR A 824 25.87 4.18 9.76
C TYR A 824 25.18 5.54 9.69
N VAL A 825 25.98 6.59 9.59
CA VAL A 825 25.48 7.97 9.53
C VAL A 825 26.19 8.69 8.39
N TYR A 826 25.42 9.31 7.51
CA TYR A 826 25.97 10.13 6.43
C TYR A 826 26.41 11.46 7.02
N ALA A 827 27.72 11.69 7.08
CA ALA A 827 28.28 12.89 7.69
C ALA A 827 29.11 13.66 6.67
N LEU A 828 29.22 14.96 6.91
CA LEU A 828 29.91 15.87 6.00
C LEU A 828 31.32 16.17 6.51
N ASP A 829 32.22 16.40 5.56
CA ASP A 829 33.62 16.71 5.88
C ASP A 829 34.05 17.99 5.18
N GLU A 830 33.44 18.24 4.01
CA GLU A 830 33.78 19.36 3.12
C GLU A 830 35.19 19.23 2.56
N ARG A 831 35.98 18.31 3.11
CA ARG A 831 37.15 17.78 2.43
C ARG A 831 36.82 16.51 1.65
N GLY A 832 35.74 15.82 2.04
CA GLY A 832 35.22 14.69 1.32
C GLY A 832 33.78 14.93 0.89
N LYS A 833 33.08 15.78 1.63
CA LYS A 833 31.72 16.24 1.29
C LYS A 833 30.74 15.07 1.24
N GLY A 834 30.53 14.48 2.40
CA GLY A 834 29.53 13.44 2.53
C GLY A 834 30.04 12.03 2.31
N LYS A 835 29.89 11.17 3.32
CA LYS A 835 30.34 9.79 3.24
C LYS A 835 29.67 9.00 4.36
N TRP A 836 29.31 7.75 4.06
CA TRP A 836 28.76 6.88 5.08
C TRP A 836 29.86 6.38 6.00
N VAL A 837 29.65 6.52 7.31
CA VAL A 837 30.60 6.08 8.32
C VAL A 837 29.86 5.24 9.36
N ALA A 838 30.50 4.17 9.82
CA ALA A 838 29.96 3.35 10.90
C ALA A 838 30.25 4.04 12.23
N LYS A 839 29.21 4.57 12.86
CA LYS A 839 29.35 5.31 14.11
C LYS A 839 28.82 4.58 15.33
N TYR A 840 27.86 3.68 15.17
CA TYR A 840 27.21 3.02 16.28
C TYR A 840 27.24 1.51 16.08
N PRO A 841 27.15 0.74 17.16
CA PRO A 841 26.87 -0.68 17.01
C PRO A 841 25.51 -0.89 16.38
N PRO A 842 25.35 -1.95 15.60
CA PRO A 842 24.09 -2.13 14.88
C PRO A 842 22.98 -2.66 15.77
N CYS A 843 21.76 -2.48 15.31
CA CYS A 843 20.58 -3.05 15.94
C CYS A 843 20.15 -4.30 15.20
N GLN A 844 19.91 -5.37 15.94
CA GLN A 844 19.52 -6.63 15.33
C GLN A 844 18.04 -6.66 14.96
N LEU A 845 17.22 -5.76 15.50
CA LEU A 845 15.79 -5.77 15.26
C LEU A 845 15.30 -4.35 15.01
N ILE A 846 14.50 -4.18 13.97
CA ILE A 846 13.79 -2.93 13.71
C ILE A 846 12.34 -3.14 14.11
N LEU A 847 11.88 -2.38 15.10
CA LEU A 847 10.53 -2.52 15.64
C LEU A 847 9.68 -1.38 15.09
N LEU A 848 8.70 -1.73 14.26
CA LEU A 848 7.75 -0.76 13.73
C LEU A 848 6.44 -0.82 14.52
N ALA A 849 5.50 0.04 14.15
CA ALA A 849 4.16 0.01 14.72
C ALA A 849 3.27 -0.92 13.92
N GLU A 850 2.50 -1.73 14.62
CA GLU A 850 1.55 -2.63 13.97
C GLU A 850 0.39 -1.81 13.43
N LEU A 851 0.43 -1.48 12.14
CA LEU A 851 -0.56 -0.63 11.50
C LEU A 851 -1.20 -1.30 10.30
N SER A 852 -1.27 -2.63 10.32
CA SER A 852 -1.93 -3.34 9.22
C SER A 852 -3.41 -3.04 9.17
N GLU A 853 -4.02 -2.74 10.31
CA GLU A 853 -5.44 -2.44 10.37
C GLU A 853 -5.74 -0.96 10.07
N TYR A 854 -4.72 -0.14 9.89
CA TYR A 854 -4.92 1.28 9.55
C TYR A 854 -4.94 1.40 8.03
N GLN A 855 -6.07 1.04 7.44
CA GLN A 855 -6.24 1.00 6.00
C GLN A 855 -7.21 2.09 5.53
N PHE A 856 -7.25 2.28 4.23
CA PHE A 856 -8.24 3.19 3.65
C PHE A 856 -9.62 2.56 3.78
N ASN A 857 -10.57 3.33 4.31
CA ASN A 857 -11.91 2.83 4.51
C ASN A 857 -12.91 3.92 4.19
N ASN A 858 -14.08 3.52 3.69
CA ASN A 858 -15.10 4.50 3.32
C ASN A 858 -15.66 5.19 4.55
N ASP A 859 -15.57 4.53 5.71
CA ASP A 859 -16.01 5.17 6.94
C ASP A 859 -15.14 6.36 7.30
N ARG A 860 -13.88 6.34 6.88
CA ARG A 860 -12.99 7.46 7.13
C ARG A 860 -13.29 8.60 6.16
N PRO A 861 -13.12 9.85 6.60
CA PRO A 861 -13.35 10.97 5.70
C PRO A 861 -12.34 10.97 4.58
N PRO A 862 -12.69 11.52 3.42
CA PRO A 862 -11.77 11.47 2.28
C PRO A 862 -10.44 12.15 2.53
N SER A 863 -10.41 13.20 3.35
CA SER A 863 -9.14 13.84 3.65
C SER A 863 -8.24 12.92 4.48
N GLU A 864 -8.82 12.05 5.30
CA GLU A 864 -8.00 11.12 6.07
C GLU A 864 -7.52 9.96 5.20
N ASN A 865 -8.37 9.48 4.29
CA ASN A 865 -7.93 8.45 3.36
C ASN A 865 -6.84 8.99 2.44
N ASN A 866 -6.94 10.25 2.03
CA ASN A 866 -5.94 10.84 1.15
C ASN A 866 -4.57 10.85 1.81
N GLN A 867 -4.49 11.32 3.07
CA GLN A 867 -3.22 11.31 3.79
C GLN A 867 -2.67 9.89 3.92
N LEU A 868 -3.56 8.92 4.15
CA LEU A 868 -3.12 7.53 4.22
C LEU A 868 -2.47 7.08 2.93
N MET A 869 -2.92 7.60 1.79
CA MET A 869 -2.31 7.22 0.52
C MET A 869 -1.05 8.03 0.25
N GLN A 870 -1.01 9.30 0.66
CA GLN A 870 0.24 10.04 0.63
C GLN A 870 1.26 9.41 1.56
N TRP A 871 0.83 8.99 2.74
CA TRP A 871 1.70 8.29 3.68
C TRP A 871 2.14 6.95 3.12
N SER A 872 1.17 6.07 2.85
CA SER A 872 1.43 4.71 2.36
C SER A 872 2.44 3.99 3.27
N HIS A 873 2.04 3.81 4.53
CA HIS A 873 2.95 3.22 5.50
C HIS A 873 3.17 1.74 5.22
N ARG A 874 2.14 1.02 4.79
CA ARG A 874 2.32 -0.38 4.44
C ARG A 874 3.32 -0.54 3.30
N GLY A 875 3.36 0.42 2.38
CA GLY A 875 4.41 0.41 1.38
C GLY A 875 5.79 0.59 1.99
N VAL A 876 5.90 1.46 2.99
CA VAL A 876 7.16 1.61 3.71
C VAL A 876 7.51 0.32 4.44
N PHE A 877 6.50 -0.35 4.98
CA PHE A 877 6.73 -1.59 5.73
C PHE A 877 7.22 -2.70 4.82
N GLN A 878 6.71 -2.78 3.59
CA GLN A 878 7.16 -3.81 2.67
C GLN A 878 8.53 -3.51 2.09
N GLU A 879 8.83 -2.23 1.85
CA GLU A 879 10.16 -1.87 1.34
C GLU A 879 11.24 -2.08 2.40
N LEU A 880 10.87 -2.02 3.68
CA LEU A 880 11.83 -2.30 4.73
C LEU A 880 12.20 -3.78 4.73
N ILE A 881 11.21 -4.66 4.65
CA ILE A 881 11.49 -6.10 4.61
C ILE A 881 12.30 -6.46 3.38
N ASN A 882 12.11 -5.74 2.27
CA ASN A 882 12.87 -6.01 1.05
C ASN A 882 14.35 -5.67 1.25
N GLN A 883 14.64 -4.43 1.65
CA GLN A 883 16.02 -3.98 1.75
C GLN A 883 16.76 -4.59 2.93
N ALA A 884 16.06 -5.19 3.89
CA ALA A 884 16.70 -5.68 5.10
C ALA A 884 17.16 -7.14 5.00
N GLN A 885 16.81 -7.84 3.91
CA GLN A 885 17.13 -9.26 3.82
C GLN A 885 18.64 -9.48 3.70
N VAL A 886 19.35 -8.56 3.05
CA VAL A 886 20.78 -8.76 2.83
C VAL A 886 21.58 -8.48 4.09
N HIS A 887 21.12 -7.57 4.94
CA HIS A 887 21.85 -7.17 6.12
C HIS A 887 21.53 -8.01 7.34
N ASP A 888 20.69 -9.04 7.20
CA ASP A 888 20.30 -9.91 8.30
C ASP A 888 19.60 -9.13 9.41
N LEU A 889 18.85 -8.10 9.04
CA LEU A 889 18.08 -7.29 9.97
C LEU A 889 16.65 -7.79 10.04
N LEU A 890 16.17 -8.04 11.25
CA LEU A 890 14.79 -8.40 11.47
C LEU A 890 13.94 -7.14 11.59
N VAL A 891 12.79 -7.15 10.93
CA VAL A 891 11.81 -6.07 11.03
C VAL A 891 10.54 -6.66 11.62
N GLY A 892 10.08 -6.09 12.73
CA GLY A 892 8.87 -6.55 13.37
C GLY A 892 8.01 -5.37 13.79
N THR A 893 6.76 -5.68 14.07
CA THR A 893 5.79 -4.67 14.50
C THR A 893 5.37 -4.92 15.94
N MET A 894 4.90 -3.85 16.58
CA MET A 894 4.39 -3.91 17.93
C MET A 894 2.99 -3.32 17.97
N TYR A 895 2.12 -3.93 18.76
CA TYR A 895 0.76 -3.44 18.92
C TYR A 895 0.76 -1.96 19.29
N ALA A 896 0.15 -1.14 18.44
CA ALA A 896 0.38 0.30 18.46
C ALA A 896 -0.81 1.11 18.98
N ALA A 897 -1.84 0.46 19.54
CA ALA A 897 -2.98 1.21 20.03
C ALA A 897 -2.58 2.07 21.23
N PHE A 898 -2.94 3.35 21.16
CA PHE A 898 -2.64 4.35 22.19
C PHE A 898 -1.14 4.55 22.39
N SER A 899 -0.33 4.24 21.37
CA SER A 899 1.12 4.43 21.48
C SER A 899 1.50 5.90 21.54
N SER A 900 0.65 6.80 21.04
CA SER A 900 0.93 8.22 21.04
C SER A 900 0.16 8.99 22.10
N ARG A 901 -0.69 8.32 22.88
CA ARG A 901 -1.52 8.98 23.87
C ARG A 901 -1.15 8.65 25.30
N PHE A 902 -0.15 7.79 25.52
CA PHE A 902 0.33 7.46 26.85
C PHE A 902 1.81 7.77 26.96
N ASP A 903 2.24 8.19 28.15
CA ASP A 903 3.62 8.56 28.36
C ASP A 903 4.51 7.32 28.37
N ALA A 904 5.61 7.39 27.61
CA ALA A 904 6.52 6.24 27.55
C ALA A 904 7.33 6.11 28.84
N ARG A 905 7.71 7.23 29.43
CA ARG A 905 8.51 7.20 30.66
C ARG A 905 7.64 7.00 31.88
N THR A 906 6.51 7.69 31.96
CA THR A 906 5.66 7.67 33.15
C THR A 906 4.57 6.62 33.07
N GLY A 907 3.92 6.51 31.92
CA GLY A 907 2.76 5.66 31.76
C GLY A 907 1.44 6.39 31.84
N ALA A 908 1.45 7.66 32.25
CA ALA A 908 0.23 8.43 32.34
C ALA A 908 -0.27 8.80 30.94
N PRO A 909 -1.58 8.89 30.76
CA PRO A 909 -2.11 9.34 29.48
C PRO A 909 -1.83 10.83 29.27
N GLY A 910 -1.90 11.25 28.02
CA GLY A 910 -1.59 12.63 27.70
C GLY A 910 -2.28 13.09 26.43
N ILE A 911 -1.92 14.31 26.02
CA ILE A 911 -2.52 14.96 24.86
C ILE A 911 -1.40 15.50 23.97
N ARG A 912 -1.56 15.32 22.66
CA ARG A 912 -0.63 15.94 21.71
C ARG A 912 -0.85 17.45 21.70
N CYS A 913 0.25 18.20 21.84
CA CYS A 913 0.18 19.65 21.92
C CYS A 913 1.15 20.29 20.94
N ARG A 914 0.89 21.56 20.65
CA ARG A 914 1.81 22.39 19.89
C ARG A 914 2.29 23.53 20.79
N ARG A 915 3.37 24.18 20.36
CA ARG A 915 3.91 25.33 21.06
C ARG A 915 3.84 26.55 20.15
N VAL A 916 3.48 27.69 20.75
CA VAL A 916 3.29 28.95 20.03
C VAL A 916 4.61 29.38 19.40
N PRO A 917 4.67 29.59 18.09
CA PRO A 917 5.90 30.08 17.47
C PRO A 917 6.15 31.54 17.83
N ALA A 918 7.43 31.91 17.84
CA ALA A 918 7.81 33.28 18.16
C ALA A 918 7.44 34.28 17.07
N ARG A 919 6.99 33.79 15.90
CA ARG A 919 6.56 34.72 14.85
C ARG A 919 5.33 35.50 15.28
N CYS A 920 4.51 34.95 16.16
CA CYS A 920 3.24 35.56 16.53
C CYS A 920 3.29 36.32 17.85
N THR A 921 4.43 36.30 18.53
CA THR A 921 4.56 37.01 19.80
C THR A 921 5.53 38.17 19.77
N GLN A 922 6.40 38.23 18.77
CA GLN A 922 7.34 39.35 18.66
C GLN A 922 6.57 40.64 18.39
N GLU A 923 6.88 41.68 19.16
CA GLU A 923 6.20 42.97 19.00
C GLU A 923 6.60 43.67 17.70
N HIS A 924 7.78 43.37 17.16
CA HIS A 924 8.23 43.95 15.89
C HIS A 924 7.86 43.00 14.77
N ASN A 925 6.82 43.36 14.00
CA ASN A 925 6.36 42.61 12.83
C ASN A 925 5.93 41.18 13.18
N PRO A 926 4.84 41.00 13.91
CA PRO A 926 4.34 39.64 14.14
C PRO A 926 3.49 39.12 12.99
N GLU A 927 3.51 37.82 12.83
CA GLU A 927 2.78 37.16 11.76
C GLU A 927 1.45 36.62 12.27
N PRO A 928 0.46 36.46 11.39
CA PRO A 928 -0.87 36.03 11.84
C PRO A 928 -0.85 34.66 12.51
N PHE A 929 -1.90 34.41 13.30
CA PHE A 929 -2.01 33.15 14.00
C PHE A 929 -2.31 32.02 13.01
N PRO A 930 -1.77 30.82 13.25
CA PRO A 930 -2.11 29.67 12.39
C PRO A 930 -3.55 29.21 12.58
N TRP A 931 -3.91 28.11 11.94
CA TRP A 931 -5.28 27.64 12.04
C TRP A 931 -5.57 27.05 13.41
N TRP A 932 -4.59 26.38 14.01
CA TRP A 932 -4.84 25.70 15.27
C TRP A 932 -4.88 26.68 16.43
N LEU A 933 -4.06 27.73 16.36
CA LEU A 933 -4.09 28.74 17.40
C LEU A 933 -5.38 29.53 17.37
N ASN A 934 -5.97 29.71 16.19
CA ASN A 934 -7.26 30.38 16.09
C ASN A 934 -8.38 29.54 16.68
N LYS A 935 -8.41 28.24 16.33
CA LYS A 935 -9.46 27.36 16.86
C LYS A 935 -9.38 27.23 18.38
N PHE A 936 -8.17 27.32 18.95
CA PHE A 936 -8.04 27.23 20.40
C PHE A 936 -8.43 28.54 21.08
N VAL A 937 -8.02 29.67 20.51
CA VAL A 937 -8.40 30.96 21.06
C VAL A 937 -9.91 31.13 21.04
N VAL A 938 -10.56 30.58 20.02
CA VAL A 938 -12.01 30.76 19.89
C VAL A 938 -12.76 29.90 20.89
N GLU A 939 -12.33 28.64 21.05
CA GLU A 939 -13.05 27.71 21.93
C GLU A 939 -13.13 28.24 23.35
N HIS A 940 -12.04 28.81 23.87
CA HIS A 940 -11.99 29.30 25.23
C HIS A 940 -12.03 30.81 25.31
N THR A 941 -12.19 31.50 24.18
CA THR A 941 -12.34 32.96 24.12
C THR A 941 -11.21 33.67 24.85
N LEU A 942 -10.03 33.60 24.23
CA LEU A 942 -8.81 34.19 24.76
C LEU A 942 -8.31 35.30 23.84
N ASP A 943 -9.23 36.13 23.34
CA ASP A 943 -8.86 37.18 22.39
C ASP A 943 -8.01 38.26 23.05
N ALA A 944 -8.32 38.60 24.30
CA ALA A 944 -7.62 39.66 25.02
C ALA A 944 -6.51 39.13 25.91
N CYS A 945 -6.09 37.88 25.74
CA CYS A 945 -5.06 37.29 26.57
C CYS A 945 -3.75 37.21 25.80
N PRO A 946 -2.66 37.77 26.33
CA PRO A 946 -1.39 37.81 25.59
C PRO A 946 -0.65 36.47 25.70
N LEU A 947 -0.50 35.80 24.55
CA LEU A 947 0.28 34.57 24.51
C LEU A 947 1.76 34.87 24.49
N ARG A 948 2.54 33.99 25.11
CA ARG A 948 4.00 34.10 25.14
C ARG A 948 4.63 33.08 24.21
N ALA A 949 5.93 33.21 24.02
CA ALA A 949 6.66 32.28 23.17
C ALA A 949 6.75 30.92 23.84
N ASP A 950 6.62 29.86 23.03
CA ASP A 950 6.71 28.48 23.50
C ASP A 950 5.58 28.12 24.46
N ASP A 951 4.44 28.77 24.34
CA ASP A 951 3.27 28.41 25.14
C ASP A 951 2.64 27.13 24.59
N LEU A 952 2.36 26.19 25.48
CA LEU A 952 1.77 24.92 25.05
C LEU A 952 0.30 25.11 24.70
N ILE A 953 -0.09 24.61 23.54
CA ILE A 953 -1.47 24.69 23.09
C ILE A 953 -2.00 23.28 22.84
N PRO A 954 -2.89 22.77 23.69
CA PRO A 954 -3.41 21.41 23.46
C PRO A 954 -4.37 21.36 22.28
N THR A 955 -3.94 20.70 21.21
CA THR A 955 -4.76 20.59 20.01
C THR A 955 -5.21 19.16 19.72
N GLY A 956 -4.62 18.16 20.39
CA GLY A 956 -4.95 16.77 20.12
C GLY A 956 -4.24 16.19 18.91
N GLU A 957 -3.38 16.95 18.24
CA GLU A 957 -2.72 16.45 17.04
C GLU A 957 -1.35 17.06 16.80
N GLY A 958 -0.75 17.75 17.78
CA GLY A 958 0.54 18.37 17.62
C GLY A 958 1.67 17.35 17.64
N GLU A 959 2.90 17.89 17.64
CA GLU A 959 4.10 17.08 17.66
C GLU A 959 4.76 17.00 19.03
N ILE A 960 4.16 17.62 20.05
CA ILE A 960 4.69 17.62 21.41
C ILE A 960 3.71 16.88 22.30
N PHE A 961 4.17 15.80 22.92
CA PHE A 961 3.34 15.02 23.82
C PHE A 961 3.51 15.54 25.24
N VAL A 962 2.37 15.76 25.93
CA VAL A 962 2.36 16.29 27.29
C VAL A 962 1.53 15.36 28.16
N SER A 963 2.07 14.99 29.31
CA SER A 963 1.39 14.12 30.25
C SER A 963 1.55 14.68 31.66
N PRO A 964 0.55 14.52 32.52
CA PRO A 964 0.72 14.90 33.93
C PRO A 964 1.80 14.05 34.59
N PHE A 965 2.75 14.71 35.23
CA PHE A 965 3.86 14.03 35.87
C PHE A 965 3.56 13.63 37.32
N SER A 966 2.69 14.37 37.99
CA SER A 966 2.23 14.06 39.34
C SER A 966 0.87 14.71 39.52
N ALA A 967 0.37 14.73 40.76
CA ALA A 967 -0.86 15.41 41.06
C ALA A 967 -0.68 16.92 41.19
N GLU A 968 0.55 17.42 41.09
CA GLU A 968 0.78 18.86 41.09
C GLU A 968 0.16 19.47 39.83
N GLU A 969 -0.70 20.47 40.03
CA GLU A 969 -1.38 21.12 38.92
C GLU A 969 -0.37 21.97 38.14
N GLY A 970 -0.09 21.56 36.91
CA GLY A 970 0.90 22.21 36.08
C GLY A 970 2.18 21.42 35.91
N ASP A 971 2.41 20.41 36.75
CA ASP A 971 3.58 19.55 36.60
C ASP A 971 3.39 18.66 35.38
N PHE A 972 4.12 18.95 34.32
CA PHE A 972 3.97 18.24 33.06
C PHE A 972 5.27 17.53 32.69
N HIS A 973 5.14 16.55 31.80
CA HIS A 973 6.28 15.85 31.21
C HIS A 973 6.14 15.95 29.71
N GLN A 974 6.98 16.77 29.08
CA GLN A 974 6.89 17.05 27.65
C GLN A 974 8.00 16.32 26.91
N ILE A 975 7.66 15.80 25.73
CA ILE A 975 8.60 15.09 24.88
C ILE A 975 8.02 15.00 23.48
N HIS A 976 8.91 14.83 22.49
CA HIS A 976 8.49 14.73 21.10
C HIS A 976 7.46 13.61 20.94
N ALA A 977 6.32 13.95 20.34
CA ALA A 977 5.23 12.98 20.22
C ALA A 977 5.66 11.73 19.46
N ALA A 978 6.39 11.92 18.35
CA ALA A 978 6.83 10.77 17.56
C ALA A 978 7.84 9.92 18.32
N LEU A 979 8.84 10.57 18.93
CA LEU A 979 9.80 9.84 19.74
C LEU A 979 9.14 9.21 20.97
N ASN A 980 8.12 9.86 21.53
CA ASN A 980 7.38 9.26 22.63
C ASN A 980 6.65 8.00 22.18
N ALA A 981 6.10 8.01 20.97
CA ALA A 981 5.47 6.81 20.43
C ALA A 981 6.50 5.74 20.09
N ALA A 982 7.70 6.15 19.67
CA ALA A 982 8.73 5.17 19.38
C ALA A 982 9.20 4.46 20.64
N GLN A 983 9.43 5.22 21.71
CA GLN A 983 9.86 4.60 22.96
C GLN A 983 8.73 3.79 23.59
N ASN A 984 7.48 4.15 23.32
CA ASN A 984 6.36 3.37 23.82
C ASN A 984 6.35 1.97 23.21
N LEU A 985 6.68 1.86 21.92
CA LEU A 985 6.83 0.54 21.31
C LEU A 985 7.95 -0.24 21.96
N GLN A 986 9.04 0.43 22.31
CA GLN A 986 10.14 -0.24 22.98
C GLN A 986 9.73 -0.71 24.37
N GLN A 987 9.02 0.15 25.12
CA GLN A 987 8.55 -0.23 26.44
C GLN A 987 7.62 -1.44 26.37
N ARG A 988 6.82 -1.52 25.31
CA ARG A 988 5.89 -2.63 25.15
C ARG A 988 6.58 -3.92 24.71
N LEU A 989 7.81 -3.82 24.18
CA LEU A 989 8.55 -5.00 23.78
C LEU A 989 9.11 -5.74 24.98
N TRP A 990 9.80 -5.02 25.88
CA TRP A 990 10.47 -5.63 27.01
C TRP A 990 9.52 -5.96 28.15
N SER A 991 8.25 -5.58 28.07
CA SER A 991 7.29 -5.85 29.12
C SER A 991 6.17 -6.78 28.69
N ASP A 992 6.18 -7.26 27.45
CA ASP A 992 5.12 -8.10 26.90
C ASP A 992 3.76 -7.43 27.11
N PHE A 993 3.63 -6.24 26.53
CA PHE A 993 2.44 -5.43 26.77
C PHE A 993 1.22 -6.04 26.11
N ASP A 994 0.08 -5.87 26.76
CA ASP A 994 -1.22 -6.21 26.19
C ASP A 994 -2.17 -5.07 26.49
N ILE A 995 -3.14 -4.87 25.59
CA ILE A 995 -4.08 -3.76 25.75
C ILE A 995 -4.96 -3.94 27.00
N SER A 996 -5.11 -5.17 27.50
CA SER A 996 -5.95 -5.40 28.68
C SER A 996 -5.40 -4.73 29.95
N GLN A 997 -4.16 -4.26 29.93
CA GLN A 997 -3.59 -3.57 31.07
C GLN A 997 -4.02 -2.11 31.15
N ILE A 998 -4.68 -1.59 30.12
CA ILE A 998 -5.00 -0.17 30.05
C ILE A 998 -6.45 0.04 29.65
N ARG A 999 -6.96 -0.81 28.76
CA ARG A 999 -8.31 -0.65 28.23
C ARG A 999 -9.04 -1.98 28.23
N LEU A 1000 -10.33 -1.95 28.54
CA LEU A 1000 -11.15 -3.15 28.61
C LEU A 1000 -12.54 -2.86 28.06
N ARG A 1001 -13.09 -3.82 27.34
CA ARG A 1001 -14.46 -3.74 26.84
C ARG A 1001 -15.34 -4.66 27.66
N CYS A 1002 -16.46 -4.13 28.16
CA CYS A 1002 -17.31 -4.86 29.09
C CYS A 1002 -18.77 -4.71 28.71
N ASP A 1003 -19.59 -5.57 29.31
CA ASP A 1003 -21.04 -5.51 29.14
C ASP A 1003 -21.70 -5.74 30.50
N TRP A 1004 -22.85 -5.09 30.68
CA TRP A 1004 -23.56 -5.19 31.95
C TRP A 1004 -24.14 -6.58 32.15
N GLY A 1005 -24.50 -6.88 33.39
CA GLY A 1005 -25.09 -8.16 33.70
C GLY A 1005 -25.15 -8.38 35.20
N GLU A 1006 -25.80 -9.48 35.57
CA GLU A 1006 -25.90 -9.92 36.96
C GLU A 1006 -24.90 -11.04 37.20
N VAL A 1007 -24.25 -11.01 38.36
CA VAL A 1007 -23.31 -12.05 38.74
C VAL A 1007 -23.64 -12.55 40.14
N ASP A 1008 -23.49 -11.67 41.14
CA ASP A 1008 -23.78 -11.99 42.53
C ASP A 1008 -24.97 -11.15 43.02
N GLY A 1009 -25.95 -10.94 42.16
CA GLY A 1009 -27.14 -10.20 42.49
C GLY A 1009 -27.11 -8.74 42.09
N GLU A 1010 -25.93 -8.16 41.93
CA GLU A 1010 -25.78 -6.75 41.60
C GLU A 1010 -25.41 -6.58 40.12
N LEU A 1011 -25.67 -5.38 39.60
CA LEU A 1011 -25.29 -5.05 38.23
C LEU A 1011 -23.81 -4.71 38.19
N VAL A 1012 -23.06 -5.43 37.35
CA VAL A 1012 -21.62 -5.27 37.24
C VAL A 1012 -21.23 -5.32 35.76
N LEU A 1013 -19.99 -4.94 35.48
CA LEU A 1013 -19.44 -4.96 34.14
C LEU A 1013 -18.66 -6.26 33.93
N ILE A 1014 -19.08 -7.05 32.95
CA ILE A 1014 -18.45 -8.32 32.63
C ILE A 1014 -17.50 -8.09 31.46
N PRO A 1015 -16.19 -8.21 31.64
CA PRO A 1015 -15.25 -7.86 30.56
C PRO A 1015 -15.28 -8.87 29.44
N ARG A 1016 -15.18 -8.37 28.20
CA ARG A 1016 -15.10 -9.24 27.04
C ARG A 1016 -13.74 -9.91 26.98
N LEU A 1017 -13.74 -11.24 26.95
CA LEU A 1017 -12.49 -12.01 26.90
C LEU A 1017 -12.02 -12.08 25.45
N THR A 1018 -11.04 -11.24 25.12
CA THR A 1018 -10.48 -11.17 23.77
C THR A 1018 -9.00 -11.54 23.85
N GLY A 1019 -8.64 -12.68 23.30
CA GLY A 1019 -7.30 -13.18 23.42
C GLY A 1019 -7.06 -13.89 24.76
N LYS A 1020 -6.05 -14.75 24.77
CA LYS A 1020 -5.79 -15.55 25.96
C LYS A 1020 -5.30 -14.68 27.11
N ARG A 1021 -4.70 -13.53 26.81
CA ARG A 1021 -4.19 -12.67 27.88
C ARG A 1021 -5.34 -12.02 28.65
N THR A 1022 -6.37 -11.56 27.94
CA THR A 1022 -7.53 -11.00 28.61
C THR A 1022 -8.25 -12.07 29.42
N ALA A 1023 -8.31 -13.30 28.90
CA ALA A 1023 -8.92 -14.39 29.65
C ALA A 1023 -8.06 -14.81 30.84
N ASP A 1024 -6.74 -14.63 30.75
CA ASP A 1024 -5.86 -15.03 31.84
C ASP A 1024 -6.00 -14.12 33.05
N SER A 1025 -6.39 -12.87 32.85
CA SER A 1025 -6.41 -11.88 33.93
C SER A 1025 -7.80 -11.52 34.39
N TYR A 1026 -8.78 -11.40 33.49
CA TYR A 1026 -10.08 -10.83 33.85
C TYR A 1026 -11.24 -11.78 33.61
N SER A 1027 -10.99 -13.06 33.38
CA SER A 1027 -12.09 -14.01 33.20
C SER A 1027 -12.86 -14.20 34.50
N ASN A 1028 -12.16 -14.45 35.59
CA ASN A 1028 -12.77 -14.71 36.89
C ASN A 1028 -13.11 -13.44 37.65
N LYS A 1029 -13.08 -12.27 37.01
CA LYS A 1029 -13.26 -11.01 37.69
C LYS A 1029 -14.38 -10.21 37.03
N VAL A 1030 -14.85 -9.20 37.76
CA VAL A 1030 -15.99 -8.38 37.31
C VAL A 1030 -15.86 -7.02 38.01
N PHE A 1031 -16.49 -6.00 37.42
CA PHE A 1031 -16.31 -4.62 37.86
C PHE A 1031 -17.63 -4.06 38.36
N TYR A 1032 -17.60 -3.47 39.56
CA TYR A 1032 -18.76 -2.81 40.15
C TYR A 1032 -18.51 -1.30 40.25
N THR A 1033 -19.56 -0.57 40.61
CA THR A 1033 -19.48 0.87 40.72
C THR A 1033 -20.38 1.37 41.85
N ASN A 1034 -20.10 2.58 42.30
CA ASN A 1034 -21.01 3.33 43.15
C ASN A 1034 -21.42 4.66 42.54
N THR A 1035 -20.73 5.12 41.50
CA THR A 1035 -21.02 6.39 40.87
C THR A 1035 -21.23 6.28 39.35
N GLY A 1036 -20.87 5.15 38.74
CA GLY A 1036 -21.04 4.98 37.31
C GLY A 1036 -19.86 5.41 36.47
N VAL A 1037 -18.73 5.76 37.08
CA VAL A 1037 -17.58 6.26 36.33
C VAL A 1037 -16.31 5.48 36.67
N THR A 1038 -16.05 5.28 37.96
CA THR A 1038 -14.83 4.62 38.44
C THR A 1038 -15.17 3.24 38.96
N TYR A 1039 -14.58 2.22 38.34
CA TYR A 1039 -14.96 0.83 38.56
C TYR A 1039 -13.86 0.08 39.31
N TYR A 1040 -14.28 -0.88 40.12
CA TYR A 1040 -13.37 -1.69 40.92
C TYR A 1040 -13.64 -3.16 40.65
N GLU A 1041 -12.60 -3.97 40.77
CA GLU A 1041 -12.69 -5.38 40.43
C GLU A 1041 -13.30 -6.19 41.56
N ARG A 1042 -14.02 -7.24 41.19
CA ARG A 1042 -14.50 -8.26 42.11
C ARG A 1042 -13.89 -9.61 41.71
N GLU A 1043 -14.35 -10.69 42.35
CA GLU A 1043 -13.78 -12.01 42.16
C GLU A 1043 -14.88 -13.07 42.07
N ARG A 1044 -15.76 -12.93 41.08
CA ARG A 1044 -16.82 -13.91 40.87
C ARG A 1044 -17.06 -14.28 39.42
N GLY A 1045 -16.58 -13.51 38.46
CA GLY A 1045 -16.71 -13.85 37.06
C GLY A 1045 -18.12 -13.70 36.52
N ARG A 1072 -28.43 -1.41 30.98
CA ARG A 1072 -28.39 -0.87 29.62
C ARG A 1072 -28.10 -1.97 28.61
N GLU A 1073 -27.86 -1.57 27.36
CA GLU A 1073 -27.59 -2.52 26.28
C GLU A 1073 -26.27 -2.27 25.56
N LYS A 1074 -25.74 -1.05 25.60
CA LYS A 1074 -24.47 -0.77 24.94
C LYS A 1074 -23.30 -1.19 25.83
N SER A 1075 -22.15 -1.39 25.18
CA SER A 1075 -20.94 -1.78 25.88
C SER A 1075 -20.25 -0.55 26.48
N VAL A 1076 -19.45 -0.80 27.51
CA VAL A 1076 -18.72 0.24 28.24
C VAL A 1076 -17.24 -0.06 28.14
N VAL A 1077 -16.45 0.94 27.79
CA VAL A 1077 -15.00 0.81 27.70
C VAL A 1077 -14.38 1.46 28.92
N LEU A 1078 -13.62 0.69 29.69
CA LEU A 1078 -12.92 1.19 30.86
C LEU A 1078 -11.46 1.47 30.52
N MET A 1079 -10.95 2.58 31.03
CA MET A 1079 -9.56 2.98 30.87
C MET A 1079 -8.85 2.96 32.21
N ARG A 1080 -7.53 2.91 32.17
CA ARG A 1080 -6.75 2.82 33.40
C ARG A 1080 -5.44 3.57 33.23
N ASP A 1081 -5.08 4.32 34.25
CA ASP A 1081 -3.82 5.04 34.32
C ASP A 1081 -2.79 4.16 35.00
N PRO A 1082 -1.86 3.55 34.27
CA PRO A 1082 -0.85 2.70 34.93
C PRO A 1082 0.09 3.48 35.83
N SER A 1083 0.17 4.81 35.68
CA SER A 1083 0.96 5.62 36.60
C SER A 1083 0.20 6.00 37.85
N GLY A 1084 -1.12 5.83 37.89
CA GLY A 1084 -1.87 6.17 39.08
C GLY A 1084 -2.06 7.64 39.28
N ILE A 1085 -1.79 8.45 38.25
CA ILE A 1085 -1.90 9.89 38.41
C ILE A 1085 -3.33 10.36 38.20
N ILE A 1086 -4.03 9.78 37.23
CA ILE A 1086 -5.37 10.21 36.87
C ILE A 1086 -6.37 9.23 37.46
N ASN A 1087 -7.21 9.72 38.37
CA ASN A 1087 -8.19 8.91 39.10
C ASN A 1087 -7.51 7.76 39.84
N ARG A 1088 -6.33 8.04 40.39
CA ARG A 1088 -5.60 7.06 41.22
C ARG A 1088 -5.34 5.77 40.44
N GLY A 1089 -5.35 5.86 39.11
CA GLY A 1089 -5.14 4.69 38.29
C GLY A 1089 -6.23 3.66 38.41
N ASN A 1090 -7.42 4.05 38.87
CA ASN A 1090 -8.54 3.13 38.90
C ASN A 1090 -9.13 2.98 37.50
N TRP A 1091 -10.05 2.02 37.37
CA TRP A 1091 -10.73 1.78 36.11
C TRP A 1091 -11.79 2.84 35.90
N THR A 1092 -11.61 3.69 34.90
CA THR A 1092 -12.51 4.80 34.63
C THR A 1092 -13.21 4.58 33.30
N ARG A 1093 -14.48 4.99 33.23
CA ARG A 1093 -15.18 5.01 31.95
C ARG A 1093 -14.41 5.88 30.96
N GLN A 1094 -14.45 5.47 29.68
CA GLN A 1094 -13.58 6.10 28.68
C GLN A 1094 -13.84 7.59 28.55
N LYS A 1095 -15.12 8.00 28.57
CA LYS A 1095 -15.45 9.40 28.37
C LYS A 1095 -14.85 10.27 29.47
N GLU A 1096 -15.18 9.97 30.73
CA GLU A 1096 -14.70 10.80 31.84
C GLU A 1096 -13.20 10.66 32.03
N PHE A 1097 -12.63 9.52 31.65
CA PHE A 1097 -11.18 9.32 31.81
C PHE A 1097 -10.41 10.36 31.01
N TRP A 1098 -10.71 10.48 29.72
CA TRP A 1098 -9.99 11.43 28.87
C TRP A 1098 -10.37 12.89 29.17
N SER A 1099 -11.47 13.14 29.87
CA SER A 1099 -11.77 14.50 30.31
C SER A 1099 -10.99 14.88 31.55
N MET A 1100 -10.65 13.90 32.39
CA MET A 1100 -9.70 14.16 33.47
C MET A 1100 -8.32 14.47 32.91
N VAL A 1101 -7.91 13.72 31.88
CA VAL A 1101 -6.67 14.05 31.18
C VAL A 1101 -6.75 15.45 30.61
N ASN A 1102 -7.89 15.80 30.01
CA ASN A 1102 -8.07 17.12 29.42
C ASN A 1102 -8.08 18.21 30.48
N GLN A 1103 -8.75 17.97 31.61
CA GLN A 1103 -8.82 18.98 32.66
C GLN A 1103 -7.46 19.26 33.26
N ARG A 1104 -6.65 18.22 33.48
CA ARG A 1104 -5.35 18.42 34.12
C ARG A 1104 -4.32 19.03 33.19
N ILE A 1105 -4.60 19.12 31.90
CA ILE A 1105 -3.64 19.70 30.95
C ILE A 1105 -4.25 20.94 30.31
N GLU A 1106 -5.31 20.75 29.52
CA GLU A 1106 -5.95 21.88 28.85
C GLU A 1106 -6.59 22.82 29.88
N GLY A 1107 -7.30 22.26 30.86
CA GLY A 1107 -7.94 23.08 31.87
C GLY A 1107 -6.95 23.94 32.64
N TYR A 1108 -5.73 23.43 32.83
CA TYR A 1108 -4.72 24.22 33.52
C TYR A 1108 -4.13 25.30 32.61
N LEU A 1109 -3.84 24.94 31.35
CA LEU A 1109 -3.20 25.90 30.46
C LEU A 1109 -4.12 27.07 30.14
N VAL A 1110 -5.42 26.83 30.06
CA VAL A 1110 -6.36 27.91 29.75
C VAL A 1110 -6.44 28.88 30.92
N LYS A 1111 -6.40 28.35 32.15
CA LYS A 1111 -6.57 29.21 33.32
C LYS A 1111 -5.34 30.06 33.59
N GLN A 1112 -4.14 29.54 33.30
CA GLN A 1112 -2.95 30.37 33.50
C GLN A 1112 -2.84 31.44 32.42
N ILE A 1113 -3.45 31.19 31.26
CA ILE A 1113 -3.48 32.20 30.21
C ILE A 1113 -4.45 33.32 30.56
N ARG A 1114 -5.58 32.96 31.17
CA ARG A 1114 -6.58 33.96 31.57
C ARG A 1114 -6.10 34.89 32.67
N SER A 1115 -4.90 34.67 33.21
CA SER A 1115 -4.35 35.54 34.25
C SER A 1115 -2.95 36.03 33.87
S SO4 E . -2.99 -26.91 -33.50
O1 SO4 E . -3.77 -25.93 -32.74
O2 SO4 E . -3.90 -27.81 -34.20
O3 SO4 E . -2.15 -26.22 -34.46
O4 SO4 E . -2.15 -27.67 -32.58
#